data_7A4W
#
_entry.id   7A4W
#
_cell.length_a   65.912
_cell.length_b   84.932
_cell.length_c   76.588
_cell.angle_alpha   90.000
_cell.angle_beta   108.250
_cell.angle_gamma   90.000
#
_symmetry.space_group_name_H-M   'P 1 21 1'
#
loop_
_entity.id
_entity.type
_entity.pdbx_description
1 polymer 'Dual specificity tyrosine-phosphorylation-regulated kinase 1A'
2 non-polymer 6-(4-methoxyphenyl)pyrimidine-2,4-diamine
3 water water
#
_entity_poly.entity_id   1
_entity_poly.type   'polypeptide(L)'
_entity_poly.pdbx_seq_one_letter_code
;MHHHHHHSSGVDLGTENLYFQSMSSHKKERKVYNDGYDDDNYDYIVKNGEKWMDRYEIDSLIGKGSFGQVVKAYDRVEQE
WVAIKIIKNKKAFLNQAQIEVRLLELMNKHDTEMKYYIVHLKRHFMFRNHLCLVFEMLSYNLYDLLRNTNFRGVSLNLTR
KFAQQMCTALLFLATPELSIIHCDLKPENILLCNPKRSAIKIVDFGSSCQLGQRIYQ(PTR)IQSRFYRSPEVLLGMPYD
LAIDMWSLGCILVEMHTGEPLFSGANEVDQMNKIVEVLGIPPAHILDQAPKARKFFEKLPDGTWNLKKTKDGKREYKPPG
TRKLHNILGVETGGPGGRRAGESGHTVADYLKFKDLILRMLDYDPKTRIQPYYALQHSFFKKTADE
;
_entity_poly.pdbx_strand_id   A,B
#
loop_
_chem_comp.id
_chem_comp.type
_chem_comp.name
_chem_comp.formula
QYH non-polymer 6-(4-methoxyphenyl)pyrimidine-2,4-diamine 'C11 H12 N4 O'
#
# COMPACT_ATOMS: atom_id res chain seq x y z
N TYR A 33 -2.23 -22.60 -0.41
CA TYR A 33 -2.63 -21.19 -0.15
C TYR A 33 -4.07 -21.15 0.39
N ASN A 34 -4.20 -20.82 1.68
CA ASN A 34 -5.44 -20.29 2.33
C ASN A 34 -6.58 -21.34 2.26
N ASP A 35 -6.33 -22.56 2.78
CA ASP A 35 -7.33 -23.66 2.79
C ASP A 35 -7.79 -23.86 1.34
N GLY A 36 -6.89 -23.54 0.40
CA GLY A 36 -7.02 -23.82 -1.03
C GLY A 36 -7.78 -22.74 -1.79
N TYR A 37 -8.24 -21.69 -1.10
CA TYR A 37 -9.12 -20.63 -1.67
C TYR A 37 -8.31 -19.62 -2.51
N ASP A 38 -6.98 -19.58 -2.37
CA ASP A 38 -6.10 -18.57 -3.02
C ASP A 38 -5.15 -19.25 -4.02
N ASP A 39 -4.87 -18.57 -5.14
CA ASP A 39 -3.83 -18.92 -6.15
C ASP A 39 -2.50 -18.35 -5.65
N ASP A 40 -1.44 -18.48 -6.44
CA ASP A 40 -0.05 -18.10 -6.05
C ASP A 40 0.15 -16.59 -6.31
N ASN A 41 -0.93 -15.88 -6.65
CA ASN A 41 -0.97 -14.41 -6.81
C ASN A 41 -1.74 -13.80 -5.63
N TYR A 42 -2.06 -14.61 -4.62
CA TYR A 42 -2.83 -14.26 -3.40
C TYR A 42 -4.24 -13.80 -3.75
N ASP A 43 -4.64 -13.94 -5.01
CA ASP A 43 -6.03 -13.65 -5.44
C ASP A 43 -6.91 -14.77 -4.93
N TYR A 44 -8.16 -14.45 -4.61
CA TYR A 44 -9.21 -15.46 -4.32
C TYR A 44 -9.60 -16.15 -5.61
N ILE A 45 -9.64 -17.46 -5.60
CA ILE A 45 -10.03 -18.29 -6.78
C ILE A 45 -11.56 -18.25 -6.88
N VAL A 46 -12.07 -17.39 -7.76
CA VAL A 46 -13.51 -17.11 -7.97
C VAL A 46 -14.14 -18.35 -8.57
N LYS A 47 -15.27 -18.81 -8.02
CA LYS A 47 -16.10 -19.88 -8.64
C LYS A 47 -17.42 -19.27 -9.07
N ASN A 48 -17.73 -19.26 -10.36
CA ASN A 48 -19.05 -18.79 -10.86
C ASN A 48 -20.13 -19.68 -10.22
N GLY A 49 -21.15 -19.11 -9.60
CA GLY A 49 -22.23 -19.85 -8.94
C GLY A 49 -22.15 -19.80 -7.42
N GLU A 50 -20.96 -19.57 -6.87
CA GLU A 50 -20.71 -19.60 -5.39
C GLU A 50 -21.69 -18.66 -4.67
N LYS A 51 -22.13 -19.05 -3.49
CA LYS A 51 -22.97 -18.21 -2.61
C LYS A 51 -22.19 -17.92 -1.31
N TRP A 52 -22.23 -16.67 -0.81
CA TRP A 52 -21.39 -16.14 0.29
C TRP A 52 -22.25 -15.66 1.44
N MET A 53 -21.97 -16.09 2.67
CA MET A 53 -22.72 -15.70 3.89
C MET A 53 -24.23 -15.77 3.59
N ASP A 54 -24.65 -16.74 2.76
CA ASP A 54 -26.07 -17.05 2.51
C ASP A 54 -26.77 -15.78 1.99
N ARG A 55 -26.04 -14.92 1.26
CA ARG A 55 -26.47 -13.55 0.88
C ARG A 55 -26.14 -13.24 -0.58
N TYR A 56 -24.87 -13.31 -0.94
CA TYR A 56 -24.36 -12.90 -2.28
C TYR A 56 -24.16 -14.14 -3.15
N GLU A 57 -24.65 -14.08 -4.38
CA GLU A 57 -24.32 -15.09 -5.42
C GLU A 57 -23.34 -14.44 -6.37
N ILE A 58 -22.13 -14.95 -6.40
CA ILE A 58 -21.08 -14.51 -7.35
C ILE A 58 -21.50 -14.97 -8.76
N ASP A 59 -21.71 -14.05 -9.69
CA ASP A 59 -22.05 -14.37 -11.11
C ASP A 59 -20.76 -14.58 -11.90
N SER A 60 -19.83 -13.61 -11.91
CA SER A 60 -18.63 -13.64 -12.77
C SER A 60 -17.57 -12.62 -12.35
N LEU A 61 -16.35 -12.90 -12.78
CA LEU A 61 -15.17 -12.00 -12.77
C LEU A 61 -15.37 -10.96 -13.87
N ILE A 62 -15.49 -9.68 -13.51
CA ILE A 62 -15.69 -8.55 -14.48
C ILE A 62 -14.43 -7.67 -14.54
N GLY A 63 -13.43 -7.92 -13.70
CA GLY A 63 -12.36 -6.94 -13.44
C GLY A 63 -11.19 -7.57 -12.71
N LYS A 64 -9.98 -7.14 -13.07
CA LYS A 64 -8.71 -7.57 -12.43
C LYS A 64 -7.81 -6.33 -12.33
N GLY A 65 -6.83 -6.35 -11.43
CA GLY A 65 -5.90 -5.24 -11.11
C GLY A 65 -4.80 -5.70 -10.17
N SER A 66 -3.92 -4.80 -9.76
CA SER A 66 -2.85 -5.09 -8.77
C SER A 66 -3.45 -5.40 -7.38
N PHE A 67 -4.55 -4.74 -7.06
CA PHE A 67 -5.33 -4.84 -5.81
C PHE A 67 -5.93 -6.24 -5.59
N GLY A 68 -6.26 -6.94 -6.69
CA GLY A 68 -7.07 -8.17 -6.63
C GLY A 68 -8.06 -8.22 -7.78
N GLN A 69 -9.32 -8.51 -7.48
CA GLN A 69 -10.33 -8.79 -8.54
C GLN A 69 -11.63 -8.03 -8.26
N VAL A 70 -12.48 -7.88 -9.26
CA VAL A 70 -13.87 -7.36 -9.12
C VAL A 70 -14.85 -8.39 -9.69
N VAL A 71 -15.92 -8.70 -8.95
CA VAL A 71 -16.95 -9.67 -9.44
C VAL A 71 -18.32 -8.99 -9.47
N LYS A 72 -19.12 -9.40 -10.45
CA LYS A 72 -20.59 -9.16 -10.48
C LYS A 72 -21.28 -10.17 -9.56
N ALA A 73 -22.22 -9.72 -8.73
CA ALA A 73 -22.83 -10.55 -7.66
C ALA A 73 -24.25 -10.06 -7.40
N TYR A 74 -25.18 -10.97 -7.10
CA TYR A 74 -26.57 -10.64 -6.71
C TYR A 74 -26.70 -10.67 -5.18
N ASP A 75 -27.07 -9.53 -4.60
CA ASP A 75 -27.36 -9.39 -3.14
C ASP A 75 -28.82 -9.78 -2.91
N ARG A 76 -29.02 -11.02 -2.44
CA ARG A 76 -30.34 -11.63 -2.13
C ARG A 76 -31.13 -10.71 -1.20
N VAL A 77 -30.47 -10.17 -0.18
CA VAL A 77 -31.12 -9.33 0.88
C VAL A 77 -31.69 -8.05 0.26
N GLU A 78 -30.92 -7.29 -0.53
CA GLU A 78 -31.34 -5.97 -1.04
C GLU A 78 -31.95 -6.09 -2.45
N GLN A 79 -31.93 -7.31 -3.01
CA GLN A 79 -32.60 -7.63 -4.30
C GLN A 79 -31.93 -6.80 -5.41
N GLU A 80 -30.61 -6.71 -5.44
CA GLU A 80 -29.90 -5.85 -6.42
C GLU A 80 -28.56 -6.49 -6.80
N TRP A 81 -28.14 -6.17 -8.02
CA TRP A 81 -26.79 -6.49 -8.54
C TRP A 81 -25.76 -5.55 -7.89
N VAL A 82 -24.57 -6.05 -7.55
CA VAL A 82 -23.46 -5.27 -6.91
C VAL A 82 -22.13 -5.65 -7.56
N ALA A 83 -21.13 -4.75 -7.51
CA ALA A 83 -19.74 -5.07 -7.87
C ALA A 83 -18.95 -5.27 -6.56
N ILE A 84 -18.38 -6.46 -6.33
CA ILE A 84 -17.55 -6.68 -5.12
C ILE A 84 -16.08 -6.68 -5.54
N LYS A 85 -15.32 -5.72 -5.00
CA LYS A 85 -13.85 -5.68 -5.13
C LYS A 85 -13.30 -6.65 -4.09
N ILE A 86 -12.69 -7.76 -4.51
CA ILE A 86 -12.03 -8.78 -3.62
C ILE A 86 -10.53 -8.45 -3.60
N ILE A 87 -10.07 -7.87 -2.50
CA ILE A 87 -8.65 -7.49 -2.29
C ILE A 87 -7.80 -8.75 -2.09
N LYS A 88 -6.55 -8.74 -2.54
CA LYS A 88 -5.59 -9.86 -2.36
C LYS A 88 -5.33 -10.09 -0.87
N ASN A 89 -5.08 -11.36 -0.49
CA ASN A 89 -4.74 -11.81 0.89
C ASN A 89 -3.24 -11.55 1.18
N LYS A 90 -2.86 -10.28 1.14
CA LYS A 90 -1.47 -9.76 1.33
C LYS A 90 -1.63 -8.42 2.06
N LYS A 91 -0.76 -8.10 3.03
CA LYS A 91 -1.10 -7.05 4.05
C LYS A 91 -0.94 -5.65 3.44
N ALA A 92 -0.05 -5.48 2.47
CA ALA A 92 0.13 -4.21 1.75
C ALA A 92 -1.16 -3.79 1.05
N PHE A 93 -1.84 -4.72 0.36
CA PHE A 93 -3.03 -4.45 -0.48
C PHE A 93 -4.22 -4.32 0.46
N LEU A 94 -4.27 -5.17 1.48
CA LEU A 94 -5.26 -5.00 2.56
C LEU A 94 -5.15 -3.58 3.15
N ASN A 95 -3.96 -3.14 3.54
CA ASN A 95 -3.72 -1.80 4.17
C ASN A 95 -4.13 -0.69 3.19
N GLN A 96 -3.84 -0.88 1.91
CA GLN A 96 -4.13 0.17 0.90
C GLN A 96 -5.65 0.27 0.68
N ALA A 97 -6.33 -0.86 0.59
CA ALA A 97 -7.80 -0.90 0.44
C ALA A 97 -8.47 -0.33 1.70
N GLN A 98 -7.81 -0.38 2.87
CA GLN A 98 -8.30 0.23 4.14
C GLN A 98 -8.29 1.77 3.97
N ILE A 99 -7.24 2.29 3.31
CA ILE A 99 -7.16 3.73 2.96
C ILE A 99 -8.27 4.05 1.95
N GLU A 100 -8.48 3.18 0.97
CA GLU A 100 -9.57 3.36 -0.02
C GLU A 100 -10.92 3.45 0.69
N VAL A 101 -11.18 2.55 1.64
CA VAL A 101 -12.44 2.54 2.43
C VAL A 101 -12.56 3.85 3.20
N ARG A 102 -11.48 4.28 3.86
CA ARG A 102 -11.53 5.52 4.65
C ARG A 102 -11.98 6.68 3.76
N LEU A 103 -11.37 6.81 2.59
CA LEU A 103 -11.57 7.95 1.66
C LEU A 103 -12.99 7.87 1.13
N LEU A 104 -13.43 6.69 0.72
CA LEU A 104 -14.79 6.53 0.17
C LEU A 104 -15.80 6.90 1.25
N GLU A 105 -15.57 6.53 2.51
CA GLU A 105 -16.55 6.80 3.58
C GLU A 105 -16.54 8.33 3.85
N LEU A 106 -15.34 8.93 3.88
CA LEU A 106 -15.18 10.41 4.00
C LEU A 106 -16.05 11.10 2.94
N MET A 107 -15.88 10.75 1.67
CA MET A 107 -16.66 11.32 0.54
C MET A 107 -18.15 11.12 0.81
N ASN A 108 -18.55 9.97 1.34
CA ASN A 108 -19.97 9.57 1.37
C ASN A 108 -20.66 10.40 2.45
N LYS A 109 -19.93 10.84 3.47
CA LYS A 109 -20.45 11.73 4.54
C LYS A 109 -21.12 12.96 3.93
N HIS A 110 -20.51 13.58 2.91
CA HIS A 110 -20.83 14.94 2.41
C HIS A 110 -22.26 15.03 1.89
N ASP A 111 -22.97 16.07 2.32
CA ASP A 111 -24.41 16.31 2.05
C ASP A 111 -24.53 17.23 0.83
N THR A 112 -24.01 16.76 -0.32
CA THR A 112 -23.91 17.45 -1.64
C THR A 112 -24.28 16.45 -2.75
N GLU A 113 -24.84 16.89 -3.89
CA GLU A 113 -25.21 16.01 -5.04
C GLU A 113 -23.98 15.74 -5.93
N MET A 114 -22.86 16.42 -5.63
CA MET A 114 -21.57 16.29 -6.35
C MET A 114 -20.95 14.91 -6.06
N LYS A 115 -21.25 14.32 -4.90
CA LYS A 115 -20.68 13.02 -4.45
C LYS A 115 -21.31 11.86 -5.25
N TYR A 116 -22.28 12.15 -6.10
CA TYR A 116 -22.93 11.16 -6.99
C TYR A 116 -22.11 11.01 -8.29
N TYR A 117 -20.97 11.70 -8.41
CA TYR A 117 -20.01 11.50 -9.51
C TYR A 117 -18.93 10.51 -9.07
N ILE A 118 -19.00 10.03 -7.83
CA ILE A 118 -18.02 9.06 -7.26
C ILE A 118 -18.77 7.76 -6.95
N VAL A 119 -18.17 6.65 -7.33
CA VAL A 119 -18.81 5.33 -7.13
C VAL A 119 -19.14 5.21 -5.64
N HIS A 120 -20.32 4.68 -5.35
CA HIS A 120 -20.85 4.48 -3.99
C HIS A 120 -20.35 3.16 -3.40
N LEU A 121 -19.58 3.23 -2.32
CA LEU A 121 -19.25 2.06 -1.46
C LEU A 121 -20.39 1.82 -0.45
N LYS A 122 -21.10 0.71 -0.59
CA LYS A 122 -22.27 0.36 0.28
C LYS A 122 -21.78 -0.12 1.63
N ARG A 123 -20.84 -1.09 1.63
CA ARG A 123 -20.21 -1.65 2.86
C ARG A 123 -19.01 -2.52 2.49
N HIS A 124 -18.30 -2.98 3.51
CA HIS A 124 -17.12 -3.86 3.34
C HIS A 124 -17.11 -4.94 4.40
N PHE A 125 -16.38 -6.02 4.12
CA PHE A 125 -16.30 -7.17 5.05
C PHE A 125 -15.10 -8.01 4.69
N MET A 126 -14.56 -8.66 5.72
CA MET A 126 -13.54 -9.73 5.68
C MET A 126 -14.27 -11.06 5.41
N PHE A 127 -13.81 -11.81 4.40
CA PHE A 127 -14.37 -13.10 3.94
C PHE A 127 -13.24 -14.00 3.43
N ARG A 128 -13.02 -15.12 4.12
CA ARG A 128 -12.00 -16.13 3.72
C ARG A 128 -10.65 -15.43 3.55
N ASN A 129 -10.35 -14.53 4.49
CA ASN A 129 -9.04 -13.83 4.62
C ASN A 129 -8.87 -12.84 3.48
N HIS A 130 -9.96 -12.39 2.86
CA HIS A 130 -9.96 -11.33 1.82
C HIS A 130 -10.83 -10.15 2.26
N LEU A 131 -10.32 -8.93 2.18
CA LEU A 131 -11.20 -7.75 2.36
C LEU A 131 -11.99 -7.54 1.08
N CYS A 132 -13.31 -7.37 1.20
CA CYS A 132 -14.28 -7.25 0.10
C CYS A 132 -15.07 -5.95 0.21
N LEU A 133 -14.93 -5.06 -0.78
CA LEU A 133 -15.65 -3.76 -0.84
C LEU A 133 -16.84 -3.96 -1.77
N VAL A 134 -18.04 -3.73 -1.26
CA VAL A 134 -19.30 -3.89 -2.04
C VAL A 134 -19.66 -2.53 -2.59
N PHE A 135 -19.73 -2.44 -3.92
CA PHE A 135 -20.06 -1.22 -4.68
C PHE A 135 -21.42 -1.42 -5.36
N GLU A 136 -22.10 -0.32 -5.64
CA GLU A 136 -23.16 -0.26 -6.67
C GLU A 136 -22.62 -0.84 -7.98
N MET A 137 -23.46 -1.55 -8.71
CA MET A 137 -23.18 -2.02 -10.09
C MET A 137 -23.20 -0.82 -11.01
N LEU A 138 -22.10 -0.57 -11.72
CA LEU A 138 -22.05 0.41 -12.84
C LEU A 138 -22.07 -0.36 -14.17
N SER A 139 -21.73 0.30 -15.28
CA SER A 139 -21.68 -0.29 -16.64
C SER A 139 -20.24 -0.27 -17.18
N TYR A 140 -20.08 -0.19 -18.50
CA TYR A 140 -18.79 -0.14 -19.21
C TYR A 140 -17.95 1.07 -18.78
N ASN A 141 -16.62 0.97 -18.94
CA ASN A 141 -15.70 2.14 -18.78
C ASN A 141 -15.56 2.89 -20.12
N LEU A 142 -14.94 4.07 -20.10
CA LEU A 142 -14.88 4.97 -21.28
C LEU A 142 -13.95 4.35 -22.33
N TYR A 143 -13.08 3.43 -21.92
CA TYR A 143 -12.20 2.68 -22.87
C TYR A 143 -13.05 1.75 -23.73
N ASP A 144 -13.96 1.02 -23.09
CA ASP A 144 -14.94 0.19 -23.81
C ASP A 144 -15.70 1.10 -24.77
N LEU A 145 -16.11 2.29 -24.34
CA LEU A 145 -16.93 3.18 -25.19
C LEU A 145 -16.14 3.54 -26.45
N LEU A 146 -14.84 3.80 -26.32
CA LEU A 146 -13.96 4.16 -27.46
C LEU A 146 -13.82 2.96 -28.40
N ARG A 147 -13.65 1.74 -27.86
CA ARG A 147 -13.58 0.47 -28.62
C ARG A 147 -14.90 0.30 -29.41
N ASN A 148 -16.04 0.68 -28.85
CA ASN A 148 -17.35 0.65 -29.53
C ASN A 148 -17.43 1.64 -30.71
N THR A 149 -16.68 2.75 -30.69
CA THR A 149 -16.54 3.69 -31.82
C THR A 149 -15.47 3.21 -32.82
N ASN A 150 -14.85 2.03 -32.59
CA ASN A 150 -13.70 1.55 -33.41
C ASN A 150 -12.60 2.62 -33.38
N PHE A 151 -12.44 3.25 -32.21
CA PHE A 151 -11.40 4.27 -31.90
C PHE A 151 -11.45 5.44 -32.88
N ARG A 152 -12.65 5.89 -33.26
CA ARG A 152 -12.85 7.15 -34.04
C ARG A 152 -13.45 8.27 -33.15
N GLY A 153 -13.89 7.94 -31.93
CA GLY A 153 -14.26 8.93 -30.90
C GLY A 153 -15.77 9.20 -30.87
N VAL A 154 -16.23 9.93 -29.86
CA VAL A 154 -17.67 10.27 -29.67
C VAL A 154 -17.85 11.76 -29.99
N SER A 155 -19.09 12.22 -30.20
CA SER A 155 -19.41 13.61 -30.63
C SER A 155 -18.83 14.60 -29.63
N LEU A 156 -18.71 15.86 -30.06
CA LEU A 156 -18.29 16.98 -29.19
C LEU A 156 -19.34 17.16 -28.10
N ASN A 157 -20.61 16.86 -28.39
CA ASN A 157 -21.72 17.04 -27.42
C ASN A 157 -21.60 16.02 -26.30
N LEU A 158 -21.21 14.80 -26.63
CA LEU A 158 -21.06 13.77 -25.57
C LEU A 158 -19.79 14.05 -24.77
N THR A 159 -18.69 14.39 -25.45
CA THR A 159 -17.43 14.84 -24.82
C THR A 159 -17.79 15.92 -23.79
N ARG A 160 -18.61 16.90 -24.17
CA ARG A 160 -19.01 18.03 -23.30
C ARG A 160 -19.74 17.52 -22.04
N LYS A 161 -20.63 16.55 -22.19
CA LYS A 161 -21.40 16.00 -21.05
C LYS A 161 -20.41 15.36 -20.09
N PHE A 162 -19.52 14.53 -20.60
CA PHE A 162 -18.53 13.83 -19.75
C PHE A 162 -17.63 14.86 -19.03
N ALA A 163 -17.22 15.90 -19.76
CA ALA A 163 -16.30 16.93 -19.25
C ALA A 163 -16.96 17.67 -18.07
N GLN A 164 -18.22 18.08 -18.22
CA GLN A 164 -18.94 18.80 -17.15
C GLN A 164 -18.91 17.93 -15.89
N GLN A 165 -19.22 16.64 -16.04
CA GLN A 165 -19.34 15.69 -14.91
C GLN A 165 -17.99 15.53 -14.23
N MET A 166 -16.94 15.39 -15.01
CA MET A 166 -15.56 15.14 -14.50
C MET A 166 -15.03 16.38 -13.78
N CYS A 167 -15.35 17.57 -14.27
CA CYS A 167 -14.94 18.83 -13.62
C CYS A 167 -15.68 19.01 -12.31
N THR A 168 -16.93 18.57 -12.24
CA THR A 168 -17.73 18.62 -10.99
C THR A 168 -17.13 17.61 -10.00
N ALA A 169 -16.80 16.42 -10.47
CA ALA A 169 -16.21 15.37 -9.65
C ALA A 169 -14.94 15.96 -9.04
N LEU A 170 -14.14 16.68 -9.82
CA LEU A 170 -12.84 17.19 -9.33
C LEU A 170 -13.05 18.38 -8.39
N LEU A 171 -14.11 19.18 -8.63
CA LEU A 171 -14.52 20.27 -7.71
C LEU A 171 -14.90 19.64 -6.36
N PHE A 172 -15.56 18.50 -6.39
CA PHE A 172 -15.93 17.76 -5.16
C PHE A 172 -14.65 17.32 -4.44
N LEU A 173 -13.72 16.70 -5.15
CA LEU A 173 -12.53 16.07 -4.49
C LEU A 173 -11.65 17.16 -3.86
N ALA A 174 -11.69 18.36 -4.42
CA ALA A 174 -10.83 19.52 -4.05
C ALA A 174 -11.45 20.30 -2.87
N THR A 175 -12.67 19.95 -2.45
CA THR A 175 -13.24 20.35 -1.15
C THR A 175 -12.14 20.24 -0.10
N PRO A 176 -11.85 21.33 0.66
CA PRO A 176 -10.77 21.33 1.66
C PRO A 176 -10.75 20.09 2.60
N GLU A 177 -11.92 19.74 3.16
CA GLU A 177 -12.09 18.63 4.12
C GLU A 177 -11.53 17.37 3.47
N LEU A 178 -11.68 17.24 2.16
CA LEU A 178 -11.30 16.04 1.36
C LEU A 178 -9.89 16.22 0.85
N SER A 179 -9.68 17.13 -0.10
CA SER A 179 -8.36 17.37 -0.75
C SER A 179 -7.83 16.07 -1.35
N ILE A 180 -8.67 15.31 -2.01
CA ILE A 180 -8.25 14.01 -2.58
C ILE A 180 -7.69 14.21 -3.99
N ILE A 181 -6.45 13.75 -4.17
CA ILE A 181 -5.85 13.51 -5.49
C ILE A 181 -6.10 12.05 -5.90
N HIS A 182 -6.91 11.83 -6.96
CA HIS A 182 -7.25 10.47 -7.46
C HIS A 182 -5.96 9.73 -7.87
N CYS A 183 -5.12 10.39 -8.68
CA CYS A 183 -3.73 10.00 -9.08
C CYS A 183 -3.71 8.95 -10.19
N ASP A 184 -4.87 8.50 -10.69
CA ASP A 184 -4.89 7.51 -11.78
C ASP A 184 -6.16 7.69 -12.60
N LEU A 185 -6.46 8.93 -12.98
CA LEU A 185 -7.54 9.22 -13.94
C LEU A 185 -7.10 8.73 -15.31
N LYS A 186 -8.00 8.00 -15.96
CA LYS A 186 -7.81 7.48 -17.34
C LYS A 186 -9.13 6.86 -17.75
N PRO A 187 -9.35 6.59 -19.06
CA PRO A 187 -10.65 6.10 -19.53
C PRO A 187 -11.13 4.86 -18.75
N GLU A 188 -10.19 4.00 -18.35
CA GLU A 188 -10.45 2.66 -17.76
C GLU A 188 -11.04 2.86 -16.35
N ASN A 189 -10.75 3.98 -15.68
CA ASN A 189 -11.23 4.24 -14.30
C ASN A 189 -12.44 5.18 -14.30
N ILE A 190 -13.05 5.44 -15.45
CA ILE A 190 -14.28 6.26 -15.55
C ILE A 190 -15.35 5.38 -16.20
N LEU A 191 -16.43 5.09 -15.48
CA LEU A 191 -17.48 4.11 -15.86
C LEU A 191 -18.80 4.83 -16.08
N LEU A 192 -19.59 4.34 -17.04
CA LEU A 192 -21.01 4.78 -17.24
C LEU A 192 -21.85 4.19 -16.10
N CYS A 193 -22.86 4.92 -15.64
CA CYS A 193 -23.89 4.41 -14.67
C CYS A 193 -24.63 3.23 -15.31
N ASN A 194 -24.92 3.37 -16.60
CA ASN A 194 -25.70 2.39 -17.38
C ASN A 194 -25.47 2.67 -18.87
N PRO A 195 -25.71 1.66 -19.73
CA PRO A 195 -25.31 1.74 -21.12
C PRO A 195 -26.23 2.64 -21.93
N LYS A 196 -27.28 3.20 -21.32
CA LYS A 196 -28.30 3.96 -22.10
C LYS A 196 -28.10 5.47 -21.87
N ARG A 197 -27.50 5.88 -20.75
CA ARG A 197 -27.36 7.31 -20.39
C ARG A 197 -25.89 7.72 -20.49
N SER A 198 -25.66 9.03 -20.38
CA SER A 198 -24.35 9.72 -20.49
C SER A 198 -23.79 10.00 -19.10
N ALA A 199 -24.51 9.61 -18.04
CA ALA A 199 -24.05 9.76 -16.65
C ALA A 199 -22.79 8.92 -16.45
N ILE A 200 -21.81 9.46 -15.74
CA ILE A 200 -20.56 8.73 -15.37
C ILE A 200 -20.18 8.95 -13.91
N LYS A 201 -19.27 8.09 -13.47
CA LYS A 201 -18.67 8.08 -12.12
C LYS A 201 -17.21 7.68 -12.23
N ILE A 202 -16.40 8.22 -11.34
CA ILE A 202 -14.99 7.83 -11.11
C ILE A 202 -14.94 6.65 -10.13
N VAL A 203 -14.11 5.64 -10.44
CA VAL A 203 -13.88 4.48 -9.55
C VAL A 203 -12.40 4.43 -9.20
N ASP A 204 -12.05 3.59 -8.22
CA ASP A 204 -10.67 3.14 -7.90
C ASP A 204 -9.89 4.27 -7.25
N PHE A 205 -10.11 4.47 -5.94
CA PHE A 205 -9.34 5.40 -5.09
C PHE A 205 -8.23 4.66 -4.33
N GLY A 206 -7.82 3.53 -4.88
CA GLY A 206 -6.78 2.68 -4.28
C GLY A 206 -5.41 3.35 -4.39
N SER A 207 -5.21 4.26 -5.33
CA SER A 207 -3.91 4.96 -5.58
C SER A 207 -3.98 6.39 -5.07
N SER A 208 -5.11 6.73 -4.48
CA SER A 208 -5.43 8.11 -4.06
C SER A 208 -4.70 8.43 -2.76
N CYS A 209 -4.61 9.72 -2.49
CA CYS A 209 -4.06 10.27 -1.24
C CYS A 209 -4.69 11.64 -0.98
N GLN A 210 -4.66 12.08 0.27
CA GLN A 210 -5.08 13.45 0.64
C GLN A 210 -3.84 14.34 0.56
N LEU A 211 -4.03 15.58 0.13
CA LEU A 211 -2.94 16.54 -0.09
C LEU A 211 -2.24 16.80 1.26
N GLY A 212 -0.91 16.75 1.30
CA GLY A 212 -0.15 17.05 2.53
C GLY A 212 1.01 16.10 2.64
N GLN A 213 1.84 16.13 1.62
CA GLN A 213 3.07 15.33 1.51
C GLN A 213 3.99 16.22 0.71
N ARG A 214 3.57 16.55 -0.52
CA ARG A 214 4.39 17.29 -1.51
C ARG A 214 5.76 16.57 -1.56
N ILE A 215 5.75 15.39 -2.17
CA ILE A 215 6.97 14.56 -2.44
C ILE A 215 6.77 13.95 -3.82
N TYR A 216 7.82 13.45 -4.45
CA TYR A 216 7.71 12.83 -5.78
C TYR A 216 7.45 11.32 -5.64
N GLN A 217 6.58 10.76 -6.46
CA GLN A 217 6.40 9.29 -6.60
C GLN A 217 6.14 9.02 -8.08
N PTR A 218 6.57 7.84 -8.56
CA PTR A 218 6.23 7.41 -9.90
C PTR A 218 4.76 6.99 -9.93
O PTR A 218 4.46 5.86 -9.54
CB PTR A 218 7.15 6.24 -10.25
CG PTR A 218 7.09 5.65 -11.62
CD1 PTR A 218 6.60 4.37 -11.81
CD2 PTR A 218 7.59 6.33 -12.72
CE1 PTR A 218 6.60 3.78 -13.07
CE2 PTR A 218 7.61 5.77 -13.99
CZ PTR A 218 7.12 4.48 -14.14
OH PTR A 218 7.17 3.88 -15.38
P PTR A 218 5.98 3.80 -16.39
O1P PTR A 218 6.20 2.49 -17.14
O2P PTR A 218 4.63 3.82 -15.66
O3P PTR A 218 6.18 5.01 -17.26
N ILE A 219 3.88 7.92 -10.32
CA ILE A 219 2.43 7.72 -10.23
C ILE A 219 1.79 8.22 -11.52
N GLN A 220 0.47 8.01 -11.65
CA GLN A 220 -0.36 8.23 -12.86
C GLN A 220 0.04 7.21 -13.93
N SER A 221 -0.91 6.78 -14.76
CA SER A 221 -0.60 5.95 -15.94
C SER A 221 0.13 6.87 -16.90
N ARG A 222 1.09 6.34 -17.63
CA ARG A 222 2.08 7.14 -18.39
C ARG A 222 1.38 8.10 -19.36
N PHE A 223 0.35 7.66 -20.08
CA PHE A 223 -0.27 8.48 -21.14
C PHE A 223 -0.91 9.73 -20.52
N TYR A 224 -1.27 9.63 -19.23
CA TYR A 224 -2.08 10.64 -18.51
C TYR A 224 -1.26 11.35 -17.43
N ARG A 225 0.08 11.17 -17.46
CA ARG A 225 1.02 11.64 -16.41
C ARG A 225 1.36 13.09 -16.68
N SER A 226 1.25 13.91 -15.62
CA SER A 226 1.49 15.38 -15.64
C SER A 226 2.98 15.65 -15.81
N PRO A 227 3.35 16.81 -16.37
CA PRO A 227 4.76 17.19 -16.53
C PRO A 227 5.48 17.29 -15.18
N GLU A 228 4.84 17.83 -14.13
CA GLU A 228 5.45 17.86 -12.76
C GLU A 228 5.85 16.42 -12.35
N VAL A 229 4.99 15.43 -12.62
CA VAL A 229 5.34 14.05 -12.19
C VAL A 229 6.46 13.50 -13.08
N LEU A 230 6.42 13.72 -14.39
CA LEU A 230 7.53 13.34 -15.31
C LEU A 230 8.86 13.96 -14.84
N LEU A 231 8.80 15.18 -14.32
CA LEU A 231 10.01 15.99 -14.02
C LEU A 231 10.46 15.73 -12.58
N GLY A 232 9.83 14.78 -11.88
CA GLY A 232 10.24 14.40 -10.50
C GLY A 232 9.88 15.47 -9.49
N MET A 233 8.87 16.29 -9.76
CA MET A 233 8.50 17.43 -8.88
C MET A 233 7.36 16.99 -7.95
N PRO A 234 7.18 17.68 -6.80
CA PRO A 234 6.08 17.43 -5.88
C PRO A 234 4.73 17.74 -6.53
N TYR A 235 3.65 17.06 -6.12
CA TYR A 235 2.37 17.18 -6.85
C TYR A 235 1.23 17.55 -5.88
N ASP A 236 0.17 18.11 -6.47
CA ASP A 236 -1.09 18.54 -5.83
C ASP A 236 -2.26 18.10 -6.72
N LEU A 237 -3.47 18.62 -6.47
CA LEU A 237 -4.69 18.15 -7.15
C LEU A 237 -4.65 18.45 -8.66
N ALA A 238 -3.76 19.33 -9.09
CA ALA A 238 -3.69 19.80 -10.49
C ALA A 238 -3.38 18.62 -11.41
N ILE A 239 -2.84 17.53 -10.88
CA ILE A 239 -2.40 16.41 -11.75
C ILE A 239 -3.64 15.72 -12.31
N ASP A 240 -4.75 15.74 -11.59
CA ASP A 240 -6.01 15.11 -12.05
C ASP A 240 -6.56 15.94 -13.22
N MET A 241 -6.35 17.26 -13.21
CA MET A 241 -6.78 18.20 -14.28
C MET A 241 -5.96 17.95 -15.56
N TRP A 242 -4.64 17.74 -15.43
CA TRP A 242 -3.78 17.31 -16.57
C TRP A 242 -4.38 16.06 -17.21
N SER A 243 -4.57 15.01 -16.42
CA SER A 243 -5.11 13.72 -16.90
C SER A 243 -6.45 13.95 -17.59
N LEU A 244 -7.31 14.79 -17.02
CA LEU A 244 -8.64 15.02 -17.60
C LEU A 244 -8.53 15.67 -19.00
N GLY A 245 -7.66 16.64 -19.19
CA GLY A 245 -7.45 17.28 -20.51
C GLY A 245 -7.10 16.27 -21.59
N CYS A 246 -6.13 15.41 -21.30
CA CYS A 246 -5.69 14.26 -22.13
C CYS A 246 -6.88 13.34 -22.39
N ILE A 247 -7.69 13.03 -21.38
CA ILE A 247 -8.84 12.09 -21.56
C ILE A 247 -9.85 12.69 -22.55
N LEU A 248 -10.22 13.95 -22.40
CA LEU A 248 -11.31 14.57 -23.19
C LEU A 248 -10.88 14.68 -24.66
N VAL A 249 -9.63 15.01 -24.96
CA VAL A 249 -9.16 15.03 -26.38
C VAL A 249 -9.30 13.60 -26.94
N GLU A 250 -8.89 12.58 -26.19
CA GLU A 250 -8.94 11.16 -26.62
C GLU A 250 -10.39 10.71 -26.81
N MET A 251 -11.31 11.11 -25.95
CA MET A 251 -12.75 10.77 -26.11
C MET A 251 -13.26 11.21 -27.48
N HIS A 252 -12.87 12.39 -27.95
CA HIS A 252 -13.35 13.00 -29.21
C HIS A 252 -12.58 12.46 -30.42
N THR A 253 -11.26 12.35 -30.35
CA THR A 253 -10.41 11.94 -31.50
C THR A 253 -10.41 10.42 -31.66
N GLY A 254 -10.58 9.66 -30.57
CA GLY A 254 -10.56 8.18 -30.58
C GLY A 254 -9.23 7.61 -30.10
N GLU A 255 -8.19 8.44 -30.02
CA GLU A 255 -6.82 7.99 -29.69
C GLU A 255 -6.28 8.82 -28.55
N PRO A 256 -5.37 8.25 -27.72
CA PRO A 256 -4.58 9.00 -26.75
C PRO A 256 -3.84 10.18 -27.40
N LEU A 257 -3.84 11.32 -26.74
CA LEU A 257 -3.17 12.56 -27.21
C LEU A 257 -1.66 12.34 -27.19
N PHE A 258 -1.16 11.73 -26.11
CA PHE A 258 0.28 11.56 -25.79
C PHE A 258 0.53 10.08 -25.42
N SER A 259 0.85 9.27 -26.41
CA SER A 259 1.02 7.79 -26.28
C SER A 259 2.52 7.41 -26.18
N GLY A 260 3.19 7.78 -25.08
CA GLY A 260 4.63 7.54 -24.86
C GLY A 260 4.95 6.07 -24.62
N ALA A 261 6.00 5.56 -25.24
CA ALA A 261 6.54 4.20 -25.03
C ALA A 261 7.37 4.19 -23.75
N ASN A 262 7.74 5.37 -23.24
CA ASN A 262 8.55 5.52 -22.01
C ASN A 262 8.46 6.99 -21.63
N GLU A 263 9.10 7.40 -20.53
CA GLU A 263 8.97 8.78 -19.98
C GLU A 263 9.54 9.81 -20.98
N VAL A 264 10.68 9.47 -21.59
CA VAL A 264 11.37 10.36 -22.57
C VAL A 264 10.43 10.54 -23.77
N ASP A 265 9.97 9.44 -24.32
CA ASP A 265 8.98 9.45 -25.44
C ASP A 265 7.77 10.27 -25.01
N GLN A 266 7.28 10.08 -23.78
CA GLN A 266 6.08 10.76 -23.22
C GLN A 266 6.31 12.28 -23.20
N MET A 267 7.40 12.77 -22.59
CA MET A 267 7.73 14.23 -22.52
C MET A 267 7.91 14.77 -23.94
N ASN A 268 8.57 14.01 -24.81
CA ASN A 268 8.88 14.48 -26.18
C ASN A 268 7.56 14.69 -26.92
N LYS A 269 6.60 13.79 -26.77
CA LYS A 269 5.28 13.88 -27.45
C LYS A 269 4.49 15.06 -26.89
N ILE A 270 4.65 15.39 -25.61
CA ILE A 270 4.01 16.58 -24.98
C ILE A 270 4.65 17.83 -25.59
N VAL A 271 5.96 17.85 -25.72
CA VAL A 271 6.70 19.01 -26.27
C VAL A 271 6.36 19.16 -27.76
N GLU A 272 6.09 18.09 -28.51
CA GLU A 272 5.63 18.23 -29.92
C GLU A 272 4.39 19.14 -29.98
N VAL A 273 3.48 18.99 -29.00
CA VAL A 273 2.20 19.75 -28.99
C VAL A 273 2.37 21.09 -28.27
N LEU A 274 3.01 21.13 -27.11
CA LEU A 274 2.91 22.31 -26.19
C LEU A 274 4.21 23.11 -26.18
N GLY A 275 5.25 22.67 -26.87
CA GLY A 275 6.52 23.41 -26.89
C GLY A 275 7.31 23.22 -25.62
N ILE A 276 8.41 23.95 -25.46
CA ILE A 276 9.35 23.78 -24.32
C ILE A 276 8.67 24.30 -23.05
N PRO A 277 8.69 23.54 -21.94
CA PRO A 277 8.14 24.04 -20.69
C PRO A 277 8.86 25.31 -20.28
N PRO A 278 8.20 26.20 -19.51
CA PRO A 278 8.86 27.38 -18.95
C PRO A 278 10.13 27.03 -18.17
N ALA A 279 11.13 27.90 -18.30
CA ALA A 279 12.42 27.77 -17.60
C ALA A 279 12.21 27.74 -16.07
N HIS A 280 11.24 28.47 -15.51
CA HIS A 280 11.08 28.57 -14.04
C HIS A 280 10.61 27.21 -13.49
N ILE A 281 9.99 26.38 -14.34
CA ILE A 281 9.63 24.99 -13.97
C ILE A 281 10.93 24.19 -14.00
N LEU A 282 11.63 24.20 -15.14
CA LEU A 282 12.80 23.32 -15.43
C LEU A 282 13.96 23.60 -14.47
N ASP A 283 14.09 24.84 -14.02
CA ASP A 283 15.16 25.30 -13.10
C ASP A 283 15.00 24.60 -11.76
N GLN A 284 13.76 24.32 -11.35
CA GLN A 284 13.40 23.70 -10.05
C GLN A 284 13.24 22.17 -10.19
N ALA A 285 13.33 21.59 -11.39
CA ALA A 285 12.88 20.20 -11.66
C ALA A 285 14.02 19.19 -11.55
N PRO A 286 14.02 18.30 -10.52
CA PRO A 286 15.08 17.30 -10.34
C PRO A 286 15.43 16.46 -11.57
N LYS A 287 14.46 16.09 -12.39
CA LYS A 287 14.67 15.26 -13.61
C LYS A 287 14.61 16.13 -14.89
N ALA A 288 14.76 17.47 -14.82
CA ALA A 288 14.81 18.36 -16.01
C ALA A 288 15.80 17.79 -17.03
N ARG A 289 16.98 17.39 -16.55
CA ARG A 289 18.11 17.01 -17.42
C ARG A 289 17.97 15.57 -17.91
N LYS A 290 16.88 14.88 -17.58
CA LYS A 290 16.55 13.58 -18.21
C LYS A 290 16.06 13.84 -19.65
N PHE A 291 15.44 15.00 -19.90
CA PHE A 291 14.75 15.31 -21.17
C PHE A 291 15.30 16.59 -21.82
N PHE A 292 15.88 17.50 -21.03
CA PHE A 292 16.26 18.85 -21.52
C PHE A 292 17.71 19.16 -21.16
N GLU A 293 18.25 20.16 -21.86
CA GLU A 293 19.63 20.68 -21.74
C GLU A 293 19.50 22.16 -21.39
N LYS A 294 20.21 22.64 -20.37
CA LYS A 294 20.29 24.10 -20.09
C LYS A 294 21.42 24.69 -20.96
N LEU A 295 21.12 25.70 -21.78
CA LEU A 295 22.09 26.29 -22.75
C LEU A 295 22.84 27.41 -22.04
N PRO A 296 24.04 27.81 -22.54
CA PRO A 296 24.87 28.80 -21.83
C PRO A 296 24.11 30.07 -21.41
N ASP A 297 23.07 30.47 -22.17
CA ASP A 297 22.28 31.71 -21.94
C ASP A 297 21.17 31.46 -20.89
N GLY A 298 21.07 30.26 -20.32
CA GLY A 298 20.09 29.97 -19.25
C GLY A 298 18.73 29.60 -19.80
N THR A 299 18.60 29.48 -21.12
CA THR A 299 17.42 28.90 -21.80
C THR A 299 17.62 27.38 -21.89
N TRP A 300 16.53 26.65 -22.14
CA TRP A 300 16.51 25.17 -22.15
C TRP A 300 16.10 24.69 -23.54
N ASN A 301 16.60 23.54 -24.02
CA ASN A 301 15.99 22.89 -25.22
C ASN A 301 15.94 21.36 -24.97
N LEU A 302 15.26 20.64 -25.84
CA LEU A 302 15.27 19.16 -25.85
C LEU A 302 16.72 18.68 -25.88
N LYS A 303 16.98 17.55 -25.24
CA LYS A 303 18.29 16.87 -25.27
C LYS A 303 18.50 16.19 -26.66
N LYS A 304 19.80 16.01 -27.03
CA LYS A 304 20.37 15.30 -28.22
C LYS A 304 19.26 14.78 -29.15
N GLU A 311 12.89 11.41 -35.93
CA GLU A 311 12.49 11.01 -34.55
C GLU A 311 11.20 11.78 -34.18
N TYR A 312 11.26 13.10 -33.87
CA TYR A 312 10.09 13.93 -33.40
C TYR A 312 9.94 15.21 -34.21
N LYS A 313 8.68 15.65 -34.36
CA LYS A 313 8.30 16.97 -34.94
C LYS A 313 8.87 18.05 -34.04
N PRO A 314 9.37 19.17 -34.60
CA PRO A 314 9.94 20.23 -33.77
C PRO A 314 8.96 20.76 -32.72
N PRO A 315 9.45 21.29 -31.57
CA PRO A 315 8.56 21.71 -30.48
C PRO A 315 7.39 22.60 -30.92
N GLY A 316 6.17 22.26 -30.48
CA GLY A 316 4.94 23.04 -30.71
C GLY A 316 4.40 22.94 -32.13
N THR A 317 4.99 22.09 -32.98
CA THR A 317 4.59 21.98 -34.40
C THR A 317 3.36 21.10 -34.54
N ARG A 318 3.02 20.28 -33.52
CA ARG A 318 1.78 19.45 -33.55
C ARG A 318 0.65 20.18 -32.84
N LYS A 319 0.08 21.20 -33.46
CA LYS A 319 -0.95 22.08 -32.86
C LYS A 319 -2.18 21.25 -32.54
N LEU A 320 -2.74 21.49 -31.35
CA LEU A 320 -4.05 20.96 -30.93
C LEU A 320 -5.11 21.44 -31.92
N HIS A 321 -4.93 22.66 -32.45
CA HIS A 321 -5.76 23.25 -33.52
C HIS A 321 -5.96 22.22 -34.64
N ASN A 322 -4.87 21.56 -35.05
CA ASN A 322 -4.88 20.60 -36.18
C ASN A 322 -5.36 19.24 -35.70
N ILE A 323 -4.88 18.76 -34.54
CA ILE A 323 -5.34 17.46 -33.97
C ILE A 323 -6.88 17.43 -33.87
N LEU A 324 -7.50 18.54 -33.43
CA LEU A 324 -8.96 18.62 -33.23
C LEU A 324 -9.70 18.82 -34.56
N GLY A 325 -9.00 19.29 -35.61
CA GLY A 325 -9.59 19.64 -36.91
C GLY A 325 -10.56 20.80 -36.81
N VAL A 326 -10.14 21.85 -36.08
CA VAL A 326 -10.98 23.04 -35.73
C VAL A 326 -11.65 23.61 -36.99
N GLU A 327 -10.83 23.91 -38.02
CA GLU A 327 -11.24 24.59 -39.27
C GLU A 327 -11.56 23.56 -40.36
N THR A 328 -11.47 22.24 -40.11
CA THR A 328 -11.46 21.19 -41.17
C THR A 328 -12.47 20.06 -40.91
N GLY A 329 -13.54 20.34 -40.17
CA GLY A 329 -14.60 19.35 -39.92
C GLY A 329 -14.21 18.34 -38.84
N GLY A 330 -13.41 18.77 -37.85
CA GLY A 330 -13.11 17.95 -36.68
C GLY A 330 -12.10 16.86 -37.02
N PRO A 331 -11.90 15.89 -36.08
CA PRO A 331 -10.85 14.88 -36.23
C PRO A 331 -11.00 14.04 -37.51
N GLY A 332 -9.94 14.03 -38.33
CA GLY A 332 -9.89 13.47 -39.70
C GLY A 332 -11.09 13.88 -40.56
N GLY A 333 -11.66 15.08 -40.36
CA GLY A 333 -12.74 15.62 -41.19
C GLY A 333 -14.07 14.91 -41.00
N ARG A 334 -14.19 14.05 -39.98
CA ARG A 334 -15.34 13.11 -39.79
C ARG A 334 -16.56 13.83 -39.22
N ARG A 335 -16.43 15.09 -38.81
CA ARG A 335 -17.55 15.83 -38.15
C ARG A 335 -18.10 16.90 -39.09
N ALA A 336 -17.66 16.91 -40.35
CA ALA A 336 -18.08 17.82 -41.45
C ALA A 336 -19.62 18.02 -41.48
N GLY A 337 -20.07 19.26 -41.21
CA GLY A 337 -21.50 19.66 -41.11
C GLY A 337 -22.29 18.73 -40.21
N GLU A 338 -22.10 18.83 -38.88
CA GLU A 338 -22.87 18.12 -37.80
C GLU A 338 -23.29 19.14 -36.72
N SER A 339 -24.39 18.89 -36.01
CA SER A 339 -24.89 19.76 -34.90
C SER A 339 -23.80 19.95 -33.83
N GLY A 340 -23.66 21.18 -33.31
CA GLY A 340 -22.68 21.54 -32.27
C GLY A 340 -21.25 21.15 -32.63
N HIS A 341 -20.88 21.21 -33.92
CA HIS A 341 -19.50 20.98 -34.40
C HIS A 341 -19.06 22.20 -35.23
N THR A 342 -19.47 23.39 -34.83
CA THR A 342 -19.05 24.67 -35.49
C THR A 342 -17.57 24.97 -35.21
N VAL A 343 -16.97 25.84 -36.01
CA VAL A 343 -15.55 26.24 -35.80
C VAL A 343 -15.44 26.89 -34.41
N ALA A 344 -16.42 27.69 -34.01
CA ALA A 344 -16.45 28.40 -32.72
C ALA A 344 -16.53 27.37 -31.58
N ASP A 345 -17.34 26.31 -31.72
CA ASP A 345 -17.46 25.20 -30.73
C ASP A 345 -16.09 24.56 -30.47
N TYR A 346 -15.38 24.21 -31.55
CA TYR A 346 -14.00 23.64 -31.53
C TYR A 346 -13.02 24.63 -30.88
N LEU A 347 -13.18 25.92 -31.16
CA LEU A 347 -12.27 26.96 -30.63
C LEU A 347 -12.40 27.04 -29.11
N LYS A 348 -13.62 26.97 -28.61
CA LYS A 348 -13.90 26.98 -27.14
C LYS A 348 -13.36 25.70 -26.51
N PHE A 349 -13.60 24.53 -27.12
CA PHE A 349 -13.05 23.25 -26.63
C PHE A 349 -11.52 23.35 -26.56
N LYS A 350 -10.92 23.83 -27.64
CA LYS A 350 -9.44 23.94 -27.74
C LYS A 350 -8.93 24.83 -26.59
N ASP A 351 -9.60 25.97 -26.35
CA ASP A 351 -9.21 26.95 -25.29
C ASP A 351 -9.19 26.24 -23.93
N LEU A 352 -10.29 25.55 -23.61
CA LEU A 352 -10.48 24.80 -22.35
C LEU A 352 -9.37 23.78 -22.20
N ILE A 353 -9.11 22.96 -23.24
CA ILE A 353 -8.10 21.86 -23.18
C ILE A 353 -6.71 22.44 -22.91
N LEU A 354 -6.29 23.44 -23.69
CA LEU A 354 -4.98 24.13 -23.53
C LEU A 354 -4.84 24.68 -22.12
N ARG A 355 -5.92 25.16 -21.50
CA ARG A 355 -5.92 25.67 -20.11
C ARG A 355 -5.74 24.50 -19.11
N MET A 356 -6.31 23.30 -19.39
CA MET A 356 -6.11 22.06 -18.59
C MET A 356 -4.70 21.52 -18.84
N LEU A 357 -4.11 21.75 -20.01
CA LEU A 357 -2.76 21.24 -20.37
C LEU A 357 -1.68 22.30 -20.11
N ASP A 358 -1.89 23.17 -19.14
CA ASP A 358 -0.88 24.18 -18.69
C ASP A 358 0.29 23.43 -18.03
N TYR A 359 1.53 23.67 -18.46
CA TYR A 359 2.77 23.11 -17.85
C TYR A 359 2.87 23.50 -16.36
N ASP A 360 2.40 24.72 -16.00
CA ASP A 360 2.56 25.30 -14.63
C ASP A 360 1.37 24.88 -13.76
N PRO A 361 1.57 23.99 -12.75
CA PRO A 361 0.46 23.56 -11.89
C PRO A 361 -0.25 24.69 -11.12
N LYS A 362 0.42 25.84 -10.92
CA LYS A 362 -0.14 27.03 -10.21
C LYS A 362 -1.23 27.67 -11.07
N THR A 363 -1.00 27.78 -12.38
CA THR A 363 -1.91 28.52 -13.30
C THR A 363 -2.86 27.57 -14.05
N ARG A 364 -2.70 26.25 -13.93
CA ARG A 364 -3.54 25.23 -14.61
C ARG A 364 -4.97 25.45 -14.10
N ILE A 365 -5.95 25.51 -15.01
CA ILE A 365 -7.34 25.89 -14.66
C ILE A 365 -7.87 24.96 -13.55
N GLN A 366 -8.55 25.53 -12.55
CA GLN A 366 -9.16 24.78 -11.42
C GLN A 366 -10.61 24.46 -11.77
N PRO A 367 -11.18 23.39 -11.20
CA PRO A 367 -12.49 22.87 -11.62
C PRO A 367 -13.62 23.91 -11.67
N TYR A 368 -13.69 24.80 -10.67
CA TYR A 368 -14.77 25.82 -10.66
C TYR A 368 -14.74 26.57 -12.00
N TYR A 369 -13.56 27.07 -12.37
CA TYR A 369 -13.39 27.98 -13.52
C TYR A 369 -13.60 27.18 -14.81
N ALA A 370 -13.17 25.91 -14.85
CA ALA A 370 -13.40 25.00 -15.99
C ALA A 370 -14.90 24.95 -16.26
N LEU A 371 -15.69 24.84 -15.20
CA LEU A 371 -17.16 24.72 -15.33
C LEU A 371 -17.75 26.04 -15.81
N GLN A 372 -17.13 27.19 -15.51
CA GLN A 372 -17.63 28.51 -16.01
C GLN A 372 -17.12 28.80 -17.43
N HIS A 373 -16.33 27.93 -18.04
CA HIS A 373 -15.81 28.11 -19.41
C HIS A 373 -16.99 28.14 -20.41
N SER A 374 -16.88 29.00 -21.42
CA SER A 374 -17.92 29.20 -22.47
C SER A 374 -18.17 27.91 -23.25
N PHE A 375 -17.23 26.95 -23.26
CA PHE A 375 -17.46 25.61 -23.88
C PHE A 375 -18.74 24.97 -23.32
N PHE A 376 -19.10 25.24 -22.06
CA PHE A 376 -20.26 24.62 -21.37
C PHE A 376 -21.53 25.46 -21.54
N LYS A 377 -21.43 26.71 -22.01
CA LYS A 377 -22.60 27.54 -22.45
C LYS A 377 -23.07 27.00 -23.83
N LYS A 378 -24.14 26.19 -23.89
CA LYS A 378 -24.44 25.31 -25.07
C LYS A 378 -25.62 25.86 -25.88
N LYS B 31 4.64 -3.69 -24.26
CA LYS B 31 4.72 -2.86 -23.04
C LYS B 31 6.16 -2.87 -22.51
N VAL B 32 6.67 -1.68 -22.22
CA VAL B 32 7.92 -1.41 -21.47
C VAL B 32 7.46 -0.86 -20.12
N TYR B 33 8.17 -1.18 -19.03
CA TYR B 33 7.91 -0.65 -17.66
C TYR B 33 9.12 0.21 -17.19
N ASN B 34 8.86 1.47 -16.81
CA ASN B 34 9.87 2.41 -16.25
C ASN B 34 11.09 2.44 -17.18
N ASP B 35 10.88 2.73 -18.47
CA ASP B 35 11.96 2.96 -19.47
C ASP B 35 12.80 1.71 -19.66
N GLY B 36 12.25 0.52 -19.33
CA GLY B 36 12.93 -0.78 -19.48
C GLY B 36 13.69 -1.19 -18.24
N TYR B 37 13.61 -0.40 -17.15
CA TYR B 37 14.31 -0.67 -15.88
C TYR B 37 13.45 -1.58 -15.00
N ASP B 38 12.15 -1.72 -15.27
CA ASP B 38 11.22 -2.48 -14.38
C ASP B 38 10.65 -3.70 -15.10
N ASP B 39 10.38 -4.77 -14.34
CA ASP B 39 9.58 -5.92 -14.82
C ASP B 39 8.11 -5.49 -14.83
N ASP B 40 7.21 -6.39 -15.23
CA ASP B 40 5.74 -6.18 -15.27
C ASP B 40 5.11 -6.09 -13.86
N ASN B 41 5.85 -6.23 -12.76
CA ASN B 41 5.32 -6.01 -11.38
C ASN B 41 5.86 -4.68 -10.82
N TYR B 42 6.59 -3.91 -11.63
CA TYR B 42 7.18 -2.58 -11.28
C TYR B 42 8.23 -2.79 -10.19
N ASP B 43 8.91 -3.93 -10.26
CA ASP B 43 10.15 -4.21 -9.53
C ASP B 43 11.33 -3.87 -10.43
N TYR B 44 12.40 -3.29 -9.89
CA TYR B 44 13.61 -2.92 -10.65
C TYR B 44 14.27 -4.19 -11.18
N ILE B 45 14.81 -4.15 -12.40
CA ILE B 45 15.52 -5.32 -12.96
C ILE B 45 16.96 -5.23 -12.47
N VAL B 46 17.26 -5.97 -11.41
CA VAL B 46 18.61 -5.98 -10.82
C VAL B 46 19.56 -6.60 -11.84
N LYS B 47 20.62 -5.89 -12.17
CA LYS B 47 21.67 -6.36 -13.10
C LYS B 47 23.00 -6.40 -12.34
N ASN B 48 23.56 -7.59 -12.17
CA ASN B 48 24.79 -7.83 -11.39
C ASN B 48 25.93 -7.01 -11.98
N GLY B 49 26.64 -6.27 -11.13
CA GLY B 49 27.83 -5.51 -11.50
C GLY B 49 27.54 -4.07 -11.91
N GLU B 50 26.27 -3.63 -12.05
CA GLU B 50 25.99 -2.24 -12.52
C GLU B 50 26.48 -1.26 -11.46
N LYS B 51 26.96 -0.09 -11.85
CA LYS B 51 27.39 0.97 -10.91
C LYS B 51 26.30 2.06 -10.94
N TRP B 52 25.95 2.60 -9.78
CA TRP B 52 24.91 3.66 -9.55
C TRP B 52 25.61 4.94 -9.10
N MET B 53 25.30 6.07 -9.74
CA MET B 53 25.69 7.42 -9.25
C MET B 53 27.19 7.48 -8.99
N ASP B 54 27.97 6.68 -9.73
CA ASP B 54 29.42 6.51 -9.52
C ASP B 54 29.70 6.38 -8.01
N ARG B 55 28.94 5.51 -7.34
CA ARG B 55 29.12 5.26 -5.87
C ARG B 55 28.89 3.79 -5.51
N TYR B 56 27.79 3.20 -5.94
CA TYR B 56 27.39 1.85 -5.48
C TYR B 56 27.58 0.86 -6.62
N GLU B 57 28.35 -0.21 -6.38
CA GLU B 57 28.39 -1.37 -7.29
C GLU B 57 27.43 -2.43 -6.76
N ILE B 58 26.33 -2.65 -7.48
CA ILE B 58 25.39 -3.76 -7.19
C ILE B 58 26.19 -5.06 -7.37
N ASP B 59 26.17 -5.90 -6.34
CA ASP B 59 26.78 -7.25 -6.38
C ASP B 59 25.68 -8.23 -6.76
N SER B 60 24.64 -8.38 -5.95
CA SER B 60 23.57 -9.40 -6.15
C SER B 60 22.30 -9.10 -5.34
N LEU B 61 21.24 -9.87 -5.60
CA LEU B 61 19.95 -9.81 -4.88
C LEU B 61 20.08 -10.69 -3.63
N ILE B 62 19.99 -10.11 -2.43
CA ILE B 62 19.91 -10.84 -1.13
C ILE B 62 18.51 -11.41 -1.01
N GLY B 63 17.50 -10.55 -1.02
CA GLY B 63 16.10 -10.89 -0.73
C GLY B 63 15.14 -10.21 -1.68
N LYS B 64 13.93 -10.74 -1.78
CA LYS B 64 12.84 -10.21 -2.62
C LYS B 64 11.53 -10.41 -1.86
N GLY B 65 10.94 -9.33 -1.35
CA GLY B 65 9.63 -9.38 -0.69
C GLY B 65 8.50 -8.87 -1.58
N SER B 66 7.32 -8.75 -1.01
CA SER B 66 6.15 -8.02 -1.58
C SER B 66 6.55 -6.57 -1.88
N PHE B 67 7.29 -5.92 -0.97
CA PHE B 67 7.67 -4.48 -1.00
C PHE B 67 8.59 -4.18 -2.19
N GLY B 68 9.31 -5.19 -2.69
CA GLY B 68 10.31 -5.00 -3.74
C GLY B 68 11.51 -5.89 -3.49
N GLN B 69 12.72 -5.32 -3.54
CA GLN B 69 13.98 -6.09 -3.48
C GLN B 69 14.95 -5.47 -2.48
N VAL B 70 15.82 -6.32 -1.93
CA VAL B 70 17.02 -5.93 -1.16
C VAL B 70 18.24 -6.46 -1.92
N VAL B 71 19.18 -5.58 -2.28
CA VAL B 71 20.41 -6.00 -3.00
C VAL B 71 21.62 -5.70 -2.11
N LYS B 72 22.64 -6.53 -2.26
CA LYS B 72 23.99 -6.29 -1.70
C LYS B 72 24.74 -5.34 -2.65
N ALA B 73 25.20 -4.21 -2.14
CA ALA B 73 25.96 -3.21 -2.92
C ALA B 73 27.19 -2.82 -2.12
N TYR B 74 28.31 -2.63 -2.83
CA TYR B 74 29.53 -2.05 -2.23
C TYR B 74 29.45 -0.54 -2.41
N ASP B 75 29.55 0.19 -1.30
CA ASP B 75 29.65 1.67 -1.24
C ASP B 75 31.12 2.07 -1.41
N ARG B 76 31.50 2.61 -2.57
CA ARG B 76 32.90 2.94 -2.92
C ARG B 76 33.36 4.16 -2.11
N VAL B 77 32.44 4.99 -1.62
CA VAL B 77 32.76 6.20 -0.80
C VAL B 77 33.01 5.83 0.67
N GLU B 78 32.11 5.08 1.28
CA GLU B 78 32.24 4.68 2.70
C GLU B 78 33.12 3.43 2.83
N GLN B 79 33.33 2.71 1.72
CA GLN B 79 34.19 1.51 1.70
C GLN B 79 33.59 0.41 2.59
N GLU B 80 32.33 0.04 2.32
CA GLU B 80 31.57 -0.99 3.07
C GLU B 80 30.43 -1.53 2.21
N TRP B 81 30.07 -2.78 2.46
CA TRP B 81 28.83 -3.43 1.99
C TRP B 81 27.60 -2.76 2.63
N VAL B 82 26.53 -2.55 1.85
CA VAL B 82 25.22 -2.08 2.35
C VAL B 82 24.10 -2.94 1.75
N ALA B 83 22.95 -2.99 2.41
CA ALA B 83 21.71 -3.58 1.84
C ALA B 83 20.85 -2.44 1.30
N ILE B 84 20.59 -2.41 -0.01
CA ILE B 84 19.68 -1.39 -0.60
C ILE B 84 18.32 -2.01 -0.84
N LYS B 85 17.34 -1.51 -0.10
CA LYS B 85 15.92 -1.84 -0.29
C LYS B 85 15.38 -0.95 -1.42
N ILE B 86 15.06 -1.57 -2.55
CA ILE B 86 14.48 -0.91 -3.74
C ILE B 86 12.98 -1.18 -3.70
N ILE B 87 12.23 -0.12 -3.45
CA ILE B 87 10.75 -0.20 -3.29
C ILE B 87 10.12 -0.43 -4.68
N LYS B 88 9.21 -1.40 -4.76
CA LYS B 88 8.33 -1.68 -5.93
C LYS B 88 7.48 -0.44 -6.23
N ASN B 89 7.31 -0.05 -7.49
CA ASN B 89 6.59 1.19 -7.88
C ASN B 89 5.08 0.96 -7.98
N LYS B 90 4.47 0.31 -6.99
CA LYS B 90 2.98 0.30 -6.81
C LYS B 90 2.68 1.04 -5.52
N LYS B 91 1.66 1.90 -5.51
CA LYS B 91 1.46 2.89 -4.42
C LYS B 91 1.23 2.18 -3.07
N ALA B 92 0.78 0.93 -3.07
CA ALA B 92 0.60 0.11 -1.85
C ALA B 92 1.91 0.03 -1.08
N PHE B 93 3.03 -0.04 -1.79
CA PHE B 93 4.38 -0.20 -1.20
C PHE B 93 5.05 1.16 -1.00
N LEU B 94 4.76 2.13 -1.85
CA LEU B 94 5.33 3.50 -1.76
C LEU B 94 4.83 4.12 -0.46
N ASN B 95 3.57 3.89 -0.16
CA ASN B 95 2.93 4.33 1.11
C ASN B 95 3.70 3.76 2.31
N GLN B 96 3.88 2.45 2.38
CA GLN B 96 4.65 1.83 3.49
C GLN B 96 6.03 2.47 3.63
N ALA B 97 6.71 2.65 2.51
CA ALA B 97 8.12 3.12 2.48
C ALA B 97 8.21 4.59 2.93
N GLN B 98 7.20 5.42 2.63
CA GLN B 98 7.15 6.84 3.11
C GLN B 98 7.13 6.82 4.65
N ILE B 99 6.26 5.98 5.22
CA ILE B 99 6.11 5.78 6.69
C ILE B 99 7.46 5.29 7.26
N GLU B 100 8.09 4.32 6.61
CA GLU B 100 9.31 3.65 7.13
C GLU B 100 10.43 4.68 7.22
N VAL B 101 10.61 5.48 6.15
CA VAL B 101 11.69 6.50 6.05
C VAL B 101 11.49 7.52 7.17
N ARG B 102 10.28 8.01 7.35
CA ARG B 102 10.00 9.02 8.41
C ARG B 102 10.39 8.45 9.77
N LEU B 103 9.96 7.24 10.10
CA LEU B 103 10.14 6.68 11.48
C LEU B 103 11.61 6.39 11.71
N LEU B 104 12.30 5.86 10.72
CA LEU B 104 13.74 5.57 10.87
C LEU B 104 14.52 6.89 11.00
N GLU B 105 14.11 7.95 10.33
CA GLU B 105 14.82 9.26 10.40
C GLU B 105 14.54 9.88 11.76
N LEU B 106 13.34 9.67 12.29
CA LEU B 106 12.97 10.03 13.69
C LEU B 106 13.89 9.32 14.68
N MET B 107 14.05 8.02 14.57
CA MET B 107 14.94 7.27 15.49
C MET B 107 16.38 7.79 15.39
N ASN B 108 16.84 8.17 14.21
CA ASN B 108 18.25 8.55 14.00
C ASN B 108 18.57 9.90 14.67
N LYS B 109 17.57 10.67 15.11
CA LYS B 109 17.80 11.90 15.92
C LYS B 109 18.39 11.56 17.30
N HIS B 110 18.05 10.40 17.86
CA HIS B 110 18.42 10.00 19.24
C HIS B 110 19.79 9.34 19.24
N ASP B 111 20.56 9.52 20.33
CA ASP B 111 21.99 9.16 20.42
C ASP B 111 22.23 8.03 21.45
N THR B 112 21.19 7.32 21.88
CA THR B 112 21.33 6.21 22.87
C THR B 112 22.08 5.01 22.26
N GLU B 113 22.59 4.10 23.10
CA GLU B 113 23.07 2.75 22.71
C GLU B 113 21.86 1.81 22.49
N MET B 114 20.67 2.17 23.02
CA MET B 114 19.31 1.53 22.86
C MET B 114 18.94 1.36 21.37
N LYS B 115 19.14 2.43 20.57
CA LYS B 115 18.73 2.55 19.13
C LYS B 115 19.49 1.54 18.26
N TYR B 116 20.58 0.95 18.77
CA TYR B 116 21.44 0.00 18.02
C TYR B 116 20.79 -1.39 17.95
N TYR B 117 19.63 -1.63 18.60
CA TYR B 117 18.84 -2.86 18.38
C TYR B 117 17.80 -2.63 17.27
N ILE B 118 17.90 -1.49 16.56
CA ILE B 118 17.06 -1.15 15.38
C ILE B 118 17.99 -0.99 14.17
N VAL B 119 17.61 -1.55 13.02
CA VAL B 119 18.46 -1.47 11.79
C VAL B 119 18.70 0.02 11.54
N HIS B 120 19.90 0.36 11.06
CA HIS B 120 20.35 1.75 10.85
C HIS B 120 20.07 2.10 9.37
N LEU B 121 19.19 3.08 9.13
CA LEU B 121 19.00 3.66 7.78
C LEU B 121 20.07 4.70 7.60
N LYS B 122 21.00 4.46 6.66
CA LYS B 122 22.20 5.29 6.40
C LYS B 122 21.77 6.52 5.61
N ARG B 123 21.03 6.31 4.52
CA ARG B 123 20.41 7.37 3.70
C ARG B 123 19.32 6.73 2.85
N HIS B 124 18.54 7.59 2.20
CA HIS B 124 17.59 7.18 1.15
C HIS B 124 17.74 8.16 0.00
N PHE B 125 17.38 7.72 -1.21
CA PHE B 125 17.34 8.56 -2.42
C PHE B 125 16.42 7.94 -3.46
N MET B 126 16.03 8.76 -4.43
CA MET B 126 15.39 8.32 -5.70
C MET B 126 16.48 7.99 -6.73
N PHE B 127 16.34 6.85 -7.41
CA PHE B 127 17.18 6.39 -8.54
C PHE B 127 16.29 5.63 -9.52
N ARG B 128 16.29 6.07 -10.77
CA ARG B 128 15.48 5.48 -11.88
C ARG B 128 14.05 5.22 -11.44
N ASN B 129 13.49 6.24 -10.79
CA ASN B 129 12.08 6.35 -10.34
C ASN B 129 11.75 5.36 -9.23
N HIS B 130 12.76 4.81 -8.54
CA HIS B 130 12.56 3.94 -7.34
C HIS B 130 13.05 4.64 -6.08
N LEU B 131 12.22 4.68 -5.04
CA LEU B 131 12.70 5.02 -3.68
C LEU B 131 13.62 3.88 -3.23
N CYS B 132 14.84 4.23 -2.82
CA CYS B 132 15.90 3.29 -2.42
C CYS B 132 16.34 3.64 -1.00
N LEU B 133 16.30 2.65 -0.09
CA LEU B 133 16.69 2.82 1.34
C LEU B 133 18.01 2.08 1.54
N VAL B 134 19.02 2.80 1.99
CA VAL B 134 20.38 2.22 2.20
C VAL B 134 20.51 1.89 3.69
N PHE B 135 20.55 0.59 4.00
CA PHE B 135 20.70 0.04 5.37
C PHE B 135 22.11 -0.53 5.51
N GLU B 136 22.60 -0.57 6.75
CA GLU B 136 23.76 -1.42 7.16
C GLU B 136 23.51 -2.84 6.71
N MET B 137 24.54 -3.49 6.17
CA MET B 137 24.45 -4.90 5.76
C MET B 137 24.33 -5.77 7.03
N LEU B 138 23.30 -6.61 7.12
CA LEU B 138 23.14 -7.59 8.21
C LEU B 138 23.29 -9.00 7.63
N SER B 139 22.91 -10.02 8.39
CA SER B 139 23.01 -11.44 8.00
C SER B 139 21.59 -12.04 7.90
N TYR B 140 21.45 -13.33 8.17
CA TYR B 140 20.19 -14.13 8.08
C TYR B 140 19.17 -13.60 9.11
N ASN B 141 17.88 -13.88 8.87
CA ASN B 141 16.80 -13.52 9.82
C ASN B 141 16.49 -14.75 10.66
N LEU B 142 15.69 -14.60 11.72
CA LEU B 142 15.49 -15.61 12.82
C LEU B 142 14.63 -16.76 12.30
N TYR B 143 13.83 -16.56 11.25
CA TYR B 143 13.16 -17.68 10.54
C TYR B 143 14.17 -18.52 9.73
N ASP B 144 15.15 -17.88 9.08
CA ASP B 144 16.26 -18.58 8.39
C ASP B 144 16.99 -19.48 9.39
N LEU B 145 17.17 -18.97 10.60
CA LEU B 145 17.90 -19.66 11.69
C LEU B 145 17.05 -20.83 12.17
N LEU B 146 15.76 -20.59 12.40
CA LEU B 146 14.82 -21.67 12.79
C LEU B 146 14.82 -22.77 11.74
N ARG B 147 14.74 -22.41 10.46
CA ARG B 147 14.75 -23.38 9.32
C ARG B 147 16.03 -24.22 9.38
N ASN B 148 17.16 -23.61 9.75
CA ASN B 148 18.46 -24.31 9.81
C ASN B 148 18.54 -25.23 11.04
N THR B 149 17.77 -24.96 12.09
CA THR B 149 17.58 -25.89 13.25
C THR B 149 16.57 -27.00 12.87
N ASN B 150 16.04 -27.00 11.64
CA ASN B 150 14.89 -27.82 11.18
C ASN B 150 13.73 -27.69 12.17
N PHE B 151 13.38 -26.46 12.57
CA PHE B 151 12.16 -26.14 13.37
C PHE B 151 12.19 -26.94 14.67
N ARG B 152 13.40 -27.12 15.24
CA ARG B 152 13.62 -27.71 16.59
C ARG B 152 13.99 -26.60 17.59
N GLY B 153 14.38 -25.42 17.10
CA GLY B 153 14.63 -24.25 17.95
C GLY B 153 16.09 -24.16 18.37
N VAL B 154 16.46 -23.09 19.06
CA VAL B 154 17.84 -22.81 19.58
C VAL B 154 17.81 -22.96 21.11
N SER B 155 18.99 -22.88 21.75
CA SER B 155 19.14 -23.06 23.21
C SER B 155 18.42 -21.92 23.95
N LEU B 156 18.10 -22.17 25.20
CA LEU B 156 17.48 -21.17 26.09
C LEU B 156 18.50 -20.07 26.34
N ASN B 157 19.80 -20.41 26.33
CA ASN B 157 20.84 -19.37 26.52
C ASN B 157 20.77 -18.40 25.35
N LEU B 158 20.56 -18.89 24.12
CA LEU B 158 20.48 -18.03 22.92
C LEU B 158 19.15 -17.26 22.95
N THR B 159 18.06 -17.95 23.28
CA THR B 159 16.71 -17.36 23.47
C THR B 159 16.79 -16.20 24.47
N ARG B 160 17.55 -16.38 25.55
CA ARG B 160 17.68 -15.36 26.63
C ARG B 160 18.38 -14.13 26.04
N LYS B 161 19.44 -14.35 25.25
CA LYS B 161 20.21 -13.24 24.63
C LYS B 161 19.30 -12.45 23.69
N PHE B 162 18.52 -13.16 22.88
CA PHE B 162 17.62 -12.56 21.88
C PHE B 162 16.57 -11.71 22.60
N ALA B 163 16.02 -12.25 23.68
CA ALA B 163 14.95 -11.61 24.48
C ALA B 163 15.48 -10.31 25.08
N GLN B 164 16.70 -10.30 25.61
CA GLN B 164 17.26 -9.10 26.28
C GLN B 164 17.36 -7.97 25.24
N GLN B 165 17.84 -8.29 24.06
CA GLN B 165 17.97 -7.36 22.92
C GLN B 165 16.60 -6.86 22.41
N MET B 166 15.61 -7.74 22.22
CA MET B 166 14.25 -7.32 21.80
C MET B 166 13.57 -6.44 22.86
N CYS B 167 13.62 -6.80 24.14
CA CYS B 167 13.05 -5.95 25.23
C CYS B 167 13.71 -4.56 25.16
N THR B 168 15.01 -4.49 24.92
CA THR B 168 15.73 -3.20 24.78
C THR B 168 15.26 -2.41 23.55
N ALA B 169 15.04 -3.09 22.43
CA ALA B 169 14.50 -2.42 21.22
C ALA B 169 13.13 -1.83 21.57
N LEU B 170 12.28 -2.59 22.25
CA LEU B 170 10.90 -2.15 22.59
C LEU B 170 10.99 -0.98 23.57
N LEU B 171 11.97 -1.02 24.48
CA LEU B 171 12.27 0.07 25.45
C LEU B 171 12.57 1.35 24.67
N PHE B 172 13.45 1.27 23.67
CA PHE B 172 13.79 2.43 22.81
C PHE B 172 12.54 2.96 22.08
N LEU B 173 11.79 2.06 21.43
CA LEU B 173 10.65 2.42 20.58
C LEU B 173 9.61 3.14 21.44
N ALA B 174 9.52 2.86 22.73
CA ALA B 174 8.47 3.45 23.60
C ALA B 174 8.91 4.80 24.17
N THR B 175 10.15 5.21 23.96
CA THR B 175 10.61 6.61 24.25
C THR B 175 9.48 7.54 23.83
N PRO B 176 9.05 8.48 24.68
CA PRO B 176 7.86 9.30 24.40
C PRO B 176 7.87 10.03 23.05
N GLU B 177 8.97 10.66 22.67
CA GLU B 177 9.06 11.42 21.41
C GLU B 177 8.93 10.45 20.23
N LEU B 178 9.19 9.15 20.42
CA LEU B 178 8.98 8.13 19.36
C LEU B 178 7.57 7.50 19.46
N SER B 179 7.32 6.71 20.51
CA SER B 179 6.02 6.00 20.68
C SER B 179 5.67 5.21 19.43
N ILE B 180 6.64 4.47 18.89
CA ILE B 180 6.46 3.67 17.65
C ILE B 180 5.98 2.28 18.02
N ILE B 181 4.88 1.87 17.40
CA ILE B 181 4.38 0.47 17.41
C ILE B 181 4.82 -0.18 16.10
N HIS B 182 5.63 -1.25 16.17
CA HIS B 182 6.17 -1.96 14.97
C HIS B 182 5.01 -2.48 14.13
N CYS B 183 4.05 -3.14 14.79
CA CYS B 183 2.81 -3.73 14.21
C CYS B 183 3.10 -4.96 13.33
N ASP B 184 4.34 -5.45 13.25
CA ASP B 184 4.59 -6.68 12.47
C ASP B 184 5.86 -7.38 12.95
N LEU B 185 6.06 -7.49 14.26
CA LEU B 185 7.17 -8.31 14.79
C LEU B 185 6.89 -9.76 14.46
N LYS B 186 7.90 -10.42 13.89
CA LYS B 186 7.93 -11.88 13.66
C LYS B 186 9.37 -12.26 13.39
N PRO B 187 9.69 -13.56 13.43
CA PRO B 187 11.07 -14.01 13.21
C PRO B 187 11.70 -13.46 11.93
N GLU B 188 10.91 -13.36 10.85
CA GLU B 188 11.43 -12.87 9.54
C GLU B 188 11.91 -11.43 9.67
N ASN B 189 11.38 -10.63 10.63
CA ASN B 189 11.64 -9.16 10.80
C ASN B 189 12.72 -8.91 11.87
N ILE B 190 13.46 -9.94 12.26
CA ILE B 190 14.60 -9.84 13.21
C ILE B 190 15.76 -10.50 12.52
N LEU B 191 16.87 -9.79 12.40
CA LEU B 191 18.06 -10.23 11.61
C LEU B 191 19.28 -10.27 12.51
N LEU B 192 20.15 -11.27 12.28
CA LEU B 192 21.48 -11.34 12.91
C LEU B 192 22.36 -10.27 12.27
N CYS B 193 23.34 -9.77 13.01
CA CYS B 193 24.34 -8.81 12.50
C CYS B 193 25.46 -9.56 11.78
N ASN B 194 25.90 -10.65 12.38
CA ASN B 194 26.93 -11.58 11.86
C ASN B 194 26.40 -12.99 12.04
N PRO B 195 26.80 -13.94 11.18
CA PRO B 195 26.20 -15.27 11.19
C PRO B 195 26.47 -16.19 12.39
N LYS B 196 27.60 -16.06 13.09
CA LYS B 196 27.85 -17.00 14.23
C LYS B 196 27.87 -16.25 15.56
N ARG B 197 27.23 -15.08 15.59
CA ARG B 197 27.17 -14.19 16.76
C ARG B 197 25.68 -14.01 17.11
N SER B 198 25.35 -13.58 18.33
CA SER B 198 23.95 -13.55 18.84
C SER B 198 23.30 -12.16 18.71
N ALA B 199 24.04 -11.17 18.22
CA ALA B 199 23.56 -9.78 18.10
C ALA B 199 22.42 -9.72 17.08
N ILE B 200 21.35 -8.99 17.36
CA ILE B 200 20.19 -8.89 16.43
C ILE B 200 19.73 -7.44 16.32
N LYS B 201 18.94 -7.17 15.28
CA LYS B 201 18.28 -5.87 14.98
C LYS B 201 16.91 -6.15 14.38
N ILE B 202 16.00 -5.24 14.69
CA ILE B 202 14.61 -5.20 14.15
C ILE B 202 14.65 -4.47 12.82
N VAL B 203 13.93 -5.01 11.83
CA VAL B 203 13.79 -4.36 10.50
C VAL B 203 12.31 -4.24 10.16
N ASP B 204 12.05 -3.41 9.14
CA ASP B 204 10.81 -3.31 8.34
C ASP B 204 9.75 -2.55 9.14
N PHE B 205 9.83 -1.23 9.09
CA PHE B 205 8.89 -0.30 9.74
C PHE B 205 7.82 0.14 8.72
N GLY B 206 7.60 -0.67 7.69
CA GLY B 206 6.66 -0.33 6.61
C GLY B 206 5.24 -0.32 7.11
N SER B 207 4.93 -1.18 8.10
CA SER B 207 3.58 -1.34 8.72
C SER B 207 3.44 -0.61 10.05
N SER B 208 4.48 0.15 10.45
CA SER B 208 4.57 0.80 11.77
C SER B 208 3.72 2.07 11.82
N CYS B 209 3.44 2.54 13.03
CA CYS B 209 2.72 3.80 13.30
C CYS B 209 3.19 4.34 14.64
N GLN B 210 2.98 5.63 14.87
CA GLN B 210 3.12 6.23 16.21
C GLN B 210 1.80 6.07 16.95
N LEU B 211 1.86 6.01 18.26
CA LEU B 211 0.65 5.88 19.12
C LEU B 211 -0.32 7.00 18.77
N GLY B 212 -1.62 6.66 18.73
CA GLY B 212 -2.72 7.61 18.47
C GLY B 212 -2.84 7.96 17.00
N GLN B 213 -2.48 7.03 16.10
CA GLN B 213 -2.90 7.10 14.68
C GLN B 213 -4.29 6.47 14.61
N ARG B 214 -4.86 6.36 13.41
CA ARG B 214 -6.20 5.75 13.18
C ARG B 214 -6.11 4.28 13.60
N ILE B 215 -7.09 3.78 14.36
CA ILE B 215 -7.19 2.36 14.85
C ILE B 215 -7.65 1.50 13.66
N TYR B 216 -6.77 0.59 13.19
CA TYR B 216 -6.99 -0.32 12.05
C TYR B 216 -7.24 -1.72 12.61
N GLN B 217 -8.15 -2.45 11.98
CA GLN B 217 -8.24 -3.89 12.24
C GLN B 217 -7.29 -4.58 11.26
N PTR B 218 -7.00 -5.84 11.57
CA PTR B 218 -6.31 -6.74 10.67
C PTR B 218 -4.86 -6.31 10.50
O PTR B 218 -4.24 -6.60 9.49
CB PTR B 218 -7.09 -6.81 9.36
CG PTR B 218 -8.50 -7.32 9.55
CD1 PTR B 218 -8.71 -8.64 9.93
CD2 PTR B 218 -9.60 -6.51 9.34
CE1 PTR B 218 -9.99 -9.15 10.09
CE2 PTR B 218 -10.90 -6.99 9.51
CZ PTR B 218 -11.06 -8.31 9.89
OH PTR B 218 -12.31 -8.93 10.05
P PTR B 218 -13.65 -8.21 10.49
O1P PTR B 218 -14.46 -9.42 10.93
O2P PTR B 218 -13.31 -7.31 11.63
O3P PTR B 218 -14.32 -7.43 9.37
N ILE B 219 -4.31 -5.68 11.54
CA ILE B 219 -2.89 -5.42 11.64
C ILE B 219 -2.20 -6.59 12.33
N GLN B 220 -0.87 -6.65 12.20
CA GLN B 220 0.01 -7.73 12.72
C GLN B 220 -0.16 -9.01 11.89
N SER B 221 0.91 -9.79 11.74
CA SER B 221 0.83 -11.12 11.09
C SER B 221 -0.02 -11.98 12.01
N ARG B 222 -0.98 -12.70 11.43
CA ARG B 222 -2.02 -13.43 12.19
C ARG B 222 -1.40 -14.17 13.39
N PHE B 223 -0.35 -14.98 13.19
CA PHE B 223 0.20 -15.84 14.26
C PHE B 223 0.64 -15.02 15.47
N TYR B 224 1.07 -13.78 15.26
CA TYR B 224 1.64 -12.88 16.31
C TYR B 224 0.68 -11.74 16.64
N ARG B 225 -0.60 -11.90 16.23
CA ARG B 225 -1.61 -10.84 16.35
C ARG B 225 -2.14 -10.86 17.79
N SER B 226 -2.12 -9.73 18.46
CA SER B 226 -2.61 -9.55 19.84
C SER B 226 -4.14 -9.74 19.91
N PRO B 227 -4.65 -10.12 21.11
CA PRO B 227 -6.08 -10.33 21.30
C PRO B 227 -6.89 -9.03 21.17
N GLU B 228 -6.35 -7.90 21.64
CA GLU B 228 -7.01 -6.56 21.48
C GLU B 228 -7.27 -6.28 19.99
N VAL B 229 -6.35 -6.65 19.08
CA VAL B 229 -6.52 -6.43 17.62
C VAL B 229 -7.54 -7.45 17.08
N LEU B 230 -7.42 -8.72 17.46
CA LEU B 230 -8.42 -9.74 17.08
C LEU B 230 -9.81 -9.27 17.50
N LEU B 231 -9.93 -8.65 18.68
CA LEU B 231 -11.25 -8.27 19.24
C LEU B 231 -11.67 -6.90 18.72
N GLY B 232 -10.87 -6.27 17.88
CA GLY B 232 -11.20 -4.99 17.23
C GLY B 232 -11.29 -3.84 18.21
N MET B 233 -10.56 -3.96 19.32
CA MET B 233 -10.42 -2.88 20.32
C MET B 233 -9.27 -1.96 19.93
N PRO B 234 -9.18 -0.78 20.56
CA PRO B 234 -8.02 0.08 20.37
C PRO B 234 -6.73 -0.61 20.87
N TYR B 235 -5.59 -0.14 20.40
CA TYR B 235 -4.27 -0.73 20.71
C TYR B 235 -3.21 0.36 20.90
N ASP B 236 -2.08 -0.10 21.46
CA ASP B 236 -0.87 0.70 21.79
C ASP B 236 0.37 -0.21 21.58
N LEU B 237 1.51 0.17 22.18
CA LEU B 237 2.84 -0.47 22.00
C LEU B 237 2.84 -1.87 22.61
N ALA B 238 1.88 -2.17 23.49
CA ALA B 238 1.78 -3.49 24.14
C ALA B 238 1.56 -4.59 23.07
N ILE B 239 1.02 -4.28 21.90
CA ILE B 239 0.78 -5.36 20.91
C ILE B 239 2.13 -5.92 20.45
N ASP B 240 3.21 -5.15 20.56
CA ASP B 240 4.57 -5.61 20.18
C ASP B 240 5.09 -6.58 21.25
N MET B 241 4.76 -6.38 22.52
CA MET B 241 5.12 -7.28 23.65
C MET B 241 4.42 -8.64 23.50
N TRP B 242 3.15 -8.63 23.06
CA TRP B 242 2.40 -9.87 22.74
C TRP B 242 3.18 -10.65 21.69
N SER B 243 3.45 -10.02 20.54
CA SER B 243 4.22 -10.58 19.42
C SER B 243 5.53 -11.14 19.96
N LEU B 244 6.23 -10.38 20.79
CA LEU B 244 7.57 -10.82 21.26
C LEU B 244 7.40 -12.12 22.06
N GLY B 245 6.38 -12.22 22.93
CA GLY B 245 6.14 -13.41 23.77
C GLY B 245 5.92 -14.66 22.90
N CYS B 246 5.13 -14.50 21.87
CA CYS B 246 4.93 -15.55 20.84
C CYS B 246 6.28 -15.90 20.19
N ILE B 247 7.09 -14.92 19.85
CA ILE B 247 8.34 -15.17 19.07
C ILE B 247 9.33 -15.93 19.97
N LEU B 248 9.44 -15.56 21.24
CA LEU B 248 10.39 -16.18 22.19
C LEU B 248 10.06 -17.68 22.41
N VAL B 249 8.79 -18.05 22.55
CA VAL B 249 8.38 -19.47 22.60
C VAL B 249 8.85 -20.16 21.31
N GLU B 250 8.60 -19.55 20.18
CA GLU B 250 8.83 -20.17 18.85
C GLU B 250 10.32 -20.35 18.60
N MET B 251 11.15 -19.42 19.08
CA MET B 251 12.63 -19.48 18.89
C MET B 251 13.21 -20.68 19.62
N HIS B 252 12.65 -21.03 20.80
CA HIS B 252 13.10 -22.15 21.67
C HIS B 252 12.49 -23.49 21.23
N THR B 253 11.20 -23.54 20.86
CA THR B 253 10.48 -24.81 20.48
C THR B 253 10.62 -25.10 18.99
N GLY B 254 10.87 -24.07 18.19
CA GLY B 254 11.04 -24.17 16.73
C GLY B 254 9.73 -24.05 15.96
N GLU B 255 8.59 -23.93 16.63
CA GLU B 255 7.27 -23.91 15.94
C GLU B 255 6.43 -22.76 16.51
N PRO B 256 5.56 -22.12 15.68
CA PRO B 256 4.68 -21.06 16.15
C PRO B 256 3.90 -21.52 17.38
N LEU B 257 3.71 -20.64 18.37
CA LEU B 257 2.86 -20.94 19.56
C LEU B 257 1.38 -21.02 19.11
N PHE B 258 0.91 -20.07 18.30
CA PHE B 258 -0.52 -19.93 17.90
C PHE B 258 -0.62 -19.79 16.40
N SER B 259 -0.80 -20.90 15.71
CA SER B 259 -0.75 -20.96 14.23
C SER B 259 -2.17 -20.99 13.63
N GLY B 260 -2.94 -19.91 13.80
CA GLY B 260 -4.33 -19.82 13.31
C GLY B 260 -4.39 -19.63 11.80
N ALA B 261 -5.30 -20.34 11.14
CA ALA B 261 -5.52 -20.26 9.69
C ALA B 261 -6.48 -19.09 9.39
N ASN B 262 -7.26 -18.64 10.37
CA ASN B 262 -8.09 -17.41 10.24
C ASN B 262 -8.25 -16.81 11.64
N GLU B 263 -8.92 -15.67 11.74
CA GLU B 263 -9.04 -14.94 13.03
C GLU B 263 -9.72 -15.87 14.05
N VAL B 264 -10.67 -16.69 13.63
CA VAL B 264 -11.44 -17.54 14.57
C VAL B 264 -10.54 -18.65 15.12
N ASP B 265 -9.86 -19.37 14.24
CA ASP B 265 -8.86 -20.42 14.60
C ASP B 265 -7.77 -19.82 15.50
N GLN B 266 -7.33 -18.61 15.19
CA GLN B 266 -6.27 -17.88 15.93
C GLN B 266 -6.74 -17.68 17.37
N MET B 267 -7.94 -17.10 17.58
CA MET B 267 -8.49 -16.79 18.94
C MET B 267 -8.65 -18.11 19.70
N ASN B 268 -9.14 -19.13 19.00
CA ASN B 268 -9.36 -20.48 19.56
C ASN B 268 -8.03 -21.04 20.05
N LYS B 269 -6.96 -20.93 19.30
CA LYS B 269 -5.65 -21.50 19.72
C LYS B 269 -5.09 -20.72 20.92
N ILE B 270 -5.32 -19.42 20.99
CA ILE B 270 -4.90 -18.58 22.15
C ILE B 270 -5.66 -19.08 23.39
N VAL B 271 -6.96 -19.34 23.24
CA VAL B 271 -7.83 -19.73 24.38
C VAL B 271 -7.41 -21.13 24.85
N GLU B 272 -7.07 -22.05 23.94
CA GLU B 272 -6.54 -23.39 24.30
C GLU B 272 -5.48 -23.24 25.39
N VAL B 273 -4.63 -22.24 25.28
CA VAL B 273 -3.46 -22.06 26.18
C VAL B 273 -3.82 -21.17 27.37
N LEU B 274 -4.50 -20.04 27.16
CA LEU B 274 -4.61 -18.99 28.20
C LEU B 274 -6.04 -18.98 28.76
N GLY B 275 -6.93 -19.80 28.21
CA GLY B 275 -8.34 -19.84 28.61
C GLY B 275 -9.12 -18.66 28.08
N ILE B 276 -10.37 -18.52 28.52
CA ILE B 276 -11.28 -17.44 28.06
C ILE B 276 -10.71 -16.10 28.50
N PRO B 277 -10.67 -15.07 27.64
CA PRO B 277 -10.28 -13.74 28.10
C PRO B 277 -11.21 -13.26 29.21
N PRO B 278 -10.76 -12.35 30.09
CA PRO B 278 -11.62 -11.79 31.13
C PRO B 278 -12.88 -11.13 30.57
N ALA B 279 -13.96 -11.20 31.36
CA ALA B 279 -15.30 -10.63 31.06
C ALA B 279 -15.16 -9.14 30.81
N HIS B 280 -14.30 -8.47 31.58
CA HIS B 280 -14.12 -7.00 31.53
C HIS B 280 -13.60 -6.58 30.15
N ILE B 281 -12.91 -7.46 29.44
CA ILE B 281 -12.44 -7.15 28.05
C ILE B 281 -13.52 -7.56 27.06
N LEU B 282 -14.07 -8.76 27.21
CA LEU B 282 -15.10 -9.29 26.30
C LEU B 282 -16.35 -8.40 26.27
N ASP B 283 -16.66 -7.72 27.37
CA ASP B 283 -17.86 -6.83 27.47
C ASP B 283 -17.70 -5.60 26.57
N GLN B 284 -16.49 -5.03 26.46
CA GLN B 284 -16.27 -3.82 25.63
C GLN B 284 -15.54 -4.16 24.32
N ALA B 285 -15.57 -5.42 23.87
CA ALA B 285 -14.90 -5.88 22.62
C ALA B 285 -15.90 -5.84 21.46
N PRO B 286 -15.77 -4.90 20.49
CA PRO B 286 -16.62 -4.89 19.30
C PRO B 286 -16.77 -6.27 18.64
N LYS B 287 -15.73 -7.10 18.62
CA LYS B 287 -15.79 -8.37 17.86
C LYS B 287 -15.88 -9.56 18.82
N ALA B 288 -16.24 -9.37 20.09
CA ALA B 288 -16.40 -10.49 21.04
C ALA B 288 -17.27 -11.60 20.43
N ARG B 289 -18.35 -11.25 19.71
CA ARG B 289 -19.38 -12.26 19.26
C ARG B 289 -18.98 -12.87 17.92
N LYS B 290 -17.82 -12.46 17.36
CA LYS B 290 -17.14 -13.19 16.25
C LYS B 290 -16.66 -14.56 16.78
N PHE B 291 -16.26 -14.66 18.07
CA PHE B 291 -15.56 -15.86 18.62
C PHE B 291 -16.32 -16.49 19.78
N PHE B 292 -16.99 -15.68 20.59
CA PHE B 292 -17.63 -16.13 21.85
C PHE B 292 -19.15 -15.97 21.75
N GLU B 293 -19.89 -16.79 22.50
CA GLU B 293 -21.34 -16.61 22.81
C GLU B 293 -21.50 -16.63 24.34
N LYS B 294 -22.70 -16.90 24.85
CA LYS B 294 -22.94 -17.13 26.31
C LYS B 294 -23.73 -18.42 26.54
N LEU B 295 -23.47 -19.13 27.63
CA LEU B 295 -24.33 -20.26 28.10
C LEU B 295 -25.46 -19.67 28.94
N PRO B 296 -26.63 -20.36 29.09
CA PRO B 296 -27.80 -19.82 29.77
C PRO B 296 -27.66 -19.23 31.20
N ASP B 297 -26.50 -19.33 31.85
CA ASP B 297 -26.19 -18.60 33.11
C ASP B 297 -25.55 -17.22 32.82
N GLY B 298 -25.34 -16.86 31.54
CA GLY B 298 -24.79 -15.56 31.09
C GLY B 298 -23.28 -15.43 31.23
N THR B 299 -22.50 -16.52 31.29
CA THR B 299 -21.01 -16.49 31.28
C THR B 299 -20.49 -16.81 29.87
N TRP B 300 -19.48 -16.05 29.43
CA TRP B 300 -18.87 -16.11 28.08
C TRP B 300 -18.35 -17.53 27.77
N ASN B 301 -18.47 -17.97 26.52
CA ASN B 301 -18.11 -19.34 26.08
C ASN B 301 -17.66 -19.27 24.61
N LEU B 302 -16.83 -20.20 24.15
CA LEU B 302 -16.44 -20.28 22.72
C LEU B 302 -17.64 -20.74 21.90
N LYS B 303 -17.72 -20.37 20.62
CA LYS B 303 -18.41 -21.16 19.57
C LYS B 303 -17.52 -22.35 19.22
N GLU B 311 -12.38 -30.47 18.67
CA GLU B 311 -11.28 -30.10 17.74
C GLU B 311 -10.21 -29.20 18.42
N TYR B 312 -10.54 -28.51 19.52
CA TYR B 312 -9.54 -27.79 20.38
C TYR B 312 -9.59 -28.38 21.78
N LYS B 313 -8.41 -28.56 22.41
CA LYS B 313 -8.29 -28.73 23.88
C LYS B 313 -9.17 -27.70 24.57
N PRO B 314 -9.89 -28.08 25.65
CA PRO B 314 -10.73 -27.11 26.33
C PRO B 314 -9.89 -25.93 26.79
N PRO B 315 -10.54 -24.76 26.95
CA PRO B 315 -9.84 -23.54 27.39
C PRO B 315 -8.85 -23.77 28.53
N GLY B 316 -7.61 -23.33 28.34
CA GLY B 316 -6.59 -23.19 29.41
C GLY B 316 -5.88 -24.51 29.77
N THR B 317 -6.11 -25.60 29.03
CA THR B 317 -5.57 -26.94 29.36
C THR B 317 -4.27 -27.24 28.59
N ARG B 318 -3.98 -26.51 27.51
CA ARG B 318 -2.68 -26.58 26.80
C ARG B 318 -1.73 -25.66 27.56
N LYS B 319 -0.99 -26.21 28.51
CA LYS B 319 -0.13 -25.41 29.42
C LYS B 319 1.18 -25.13 28.71
N LEU B 320 1.68 -23.92 28.91
CA LEU B 320 3.03 -23.48 28.45
C LEU B 320 4.08 -24.35 29.15
N HIS B 321 3.79 -24.73 30.39
CA HIS B 321 4.59 -25.67 31.22
C HIS B 321 4.92 -26.92 30.42
N ASN B 322 3.97 -27.49 29.68
CA ASN B 322 4.15 -28.73 28.87
C ASN B 322 4.74 -28.40 27.50
N ILE B 323 4.29 -27.30 26.88
CA ILE B 323 4.83 -26.81 25.58
C ILE B 323 6.35 -26.58 25.72
N LEU B 324 6.82 -26.00 26.81
CA LEU B 324 8.27 -25.66 26.97
C LEU B 324 9.04 -26.86 27.54
N GLY B 325 8.34 -27.91 27.99
CA GLY B 325 8.97 -29.09 28.62
C GLY B 325 9.78 -28.67 29.82
N VAL B 326 9.16 -27.91 30.73
CA VAL B 326 9.84 -27.25 31.89
C VAL B 326 10.61 -28.30 32.67
N GLU B 327 10.02 -29.49 32.83
CA GLU B 327 10.51 -30.53 33.77
C GLU B 327 11.23 -31.63 33.00
N THR B 328 11.20 -31.63 31.67
CA THR B 328 11.58 -32.80 30.82
C THR B 328 12.73 -32.42 29.89
N GLY B 329 13.72 -31.67 30.41
CA GLY B 329 14.87 -31.15 29.67
C GLY B 329 14.47 -30.37 28.42
N GLY B 330 13.33 -29.67 28.47
CA GLY B 330 12.88 -28.70 27.46
C GLY B 330 12.43 -29.35 26.17
N PRO B 331 12.33 -28.56 25.07
CA PRO B 331 12.08 -29.10 23.74
C PRO B 331 13.11 -30.18 23.37
N GLY B 332 12.64 -31.33 22.92
CA GLY B 332 13.49 -32.46 22.50
C GLY B 332 13.99 -33.30 23.65
N GLY B 333 13.86 -32.81 24.90
CA GLY B 333 14.33 -33.48 26.12
C GLY B 333 15.84 -33.40 26.29
N ARG B 334 16.51 -32.67 25.39
CA ARG B 334 17.97 -32.81 25.16
C ARG B 334 18.78 -31.76 25.95
N ARG B 335 18.11 -30.89 26.69
CA ARG B 335 18.78 -29.80 27.47
C ARG B 335 18.95 -30.21 28.91
N ALA B 336 18.45 -31.38 29.31
CA ALA B 336 18.65 -31.96 30.67
C ALA B 336 20.12 -31.78 31.12
N GLY B 337 20.36 -30.95 32.15
CA GLY B 337 21.68 -30.78 32.80
C GLY B 337 22.62 -29.76 32.15
N GLU B 338 22.17 -28.97 31.16
CA GLU B 338 22.98 -27.86 30.55
C GLU B 338 22.95 -26.60 31.44
N SER B 339 24.07 -25.86 31.48
CA SER B 339 24.17 -24.47 32.03
C SER B 339 22.99 -23.63 31.55
N GLY B 340 22.34 -22.89 32.45
CA GLY B 340 21.28 -21.92 32.12
C GLY B 340 20.01 -22.58 31.60
N HIS B 341 19.85 -23.92 31.71
CA HIS B 341 18.66 -24.72 31.27
C HIS B 341 18.03 -25.51 32.44
N THR B 342 18.29 -25.13 33.70
CA THR B 342 17.75 -25.80 34.92
C THR B 342 16.23 -25.63 34.92
N VAL B 343 15.51 -26.47 35.68
CA VAL B 343 14.04 -26.35 35.86
C VAL B 343 13.74 -24.89 36.29
N ALA B 344 14.56 -24.31 37.18
CA ALA B 344 14.30 -22.95 37.69
C ALA B 344 14.41 -21.92 36.55
N ASP B 345 15.36 -22.11 35.64
CA ASP B 345 15.58 -21.24 34.46
C ASP B 345 14.32 -21.31 33.60
N TYR B 346 13.80 -22.52 33.36
CA TYR B 346 12.57 -22.75 32.55
C TYR B 346 11.36 -22.11 33.23
N LEU B 347 11.31 -22.10 34.56
CA LEU B 347 10.16 -21.54 35.32
C LEU B 347 10.18 -20.02 35.25
N LYS B 348 11.37 -19.43 35.26
CA LYS B 348 11.56 -17.97 35.07
C LYS B 348 11.18 -17.58 33.65
N PHE B 349 11.62 -18.34 32.64
CA PHE B 349 11.26 -18.13 31.22
C PHE B 349 9.73 -18.14 31.10
N LYS B 350 9.10 -19.19 31.65
CA LYS B 350 7.63 -19.42 31.56
C LYS B 350 6.91 -18.21 32.16
N ASP B 351 7.42 -17.73 33.31
CA ASP B 351 6.85 -16.58 34.05
C ASP B 351 6.88 -15.33 33.16
N LEU B 352 8.04 -15.02 32.58
CA LEU B 352 8.22 -13.84 31.71
C LEU B 352 7.24 -13.93 30.52
N ILE B 353 7.14 -15.08 29.89
CA ILE B 353 6.30 -15.26 28.66
C ILE B 353 4.83 -15.02 29.02
N LEU B 354 4.36 -15.55 30.17
CA LEU B 354 2.95 -15.44 30.61
C LEU B 354 2.63 -13.98 30.94
N ARG B 355 3.59 -13.23 31.48
CA ARG B 355 3.44 -11.76 31.71
C ARG B 355 3.36 -11.05 30.34
N MET B 356 4.07 -11.55 29.33
CA MET B 356 4.04 -10.93 27.99
C MET B 356 2.72 -11.32 27.33
N LEU B 357 2.13 -12.44 27.71
CA LEU B 357 0.91 -12.92 27.00
C LEU B 357 -0.31 -12.61 27.87
N ASP B 358 -0.17 -11.63 28.75
CA ASP B 358 -1.32 -11.06 29.49
C ASP B 358 -2.39 -10.57 28.50
N TYR B 359 -3.61 -11.10 28.58
CA TYR B 359 -4.76 -10.67 27.74
C TYR B 359 -5.00 -9.16 27.91
N ASP B 360 -4.72 -8.64 29.11
CA ASP B 360 -5.03 -7.24 29.44
C ASP B 360 -3.83 -6.39 29.02
N PRO B 361 -3.98 -5.53 27.99
CA PRO B 361 -2.87 -4.68 27.53
C PRO B 361 -2.42 -3.65 28.57
N LYS B 362 -3.30 -3.33 29.52
CA LYS B 362 -3.04 -2.37 30.64
C LYS B 362 -2.02 -2.96 31.62
N THR B 363 -2.04 -4.28 31.86
CA THR B 363 -1.19 -4.99 32.89
C THR B 363 -0.07 -5.84 32.24
N ARG B 364 -0.07 -5.99 30.92
CA ARG B 364 0.96 -6.76 30.18
C ARG B 364 2.30 -6.13 30.53
N ILE B 365 3.34 -6.94 30.70
CA ILE B 365 4.66 -6.46 31.22
C ILE B 365 5.21 -5.40 30.25
N GLN B 366 5.78 -4.34 30.81
CA GLN B 366 6.39 -3.25 30.00
C GLN B 366 7.86 -3.58 29.82
N PRO B 367 8.50 -3.08 28.73
CA PRO B 367 9.91 -3.37 28.45
C PRO B 367 10.89 -3.25 29.61
N TYR B 368 10.85 -2.13 30.34
CA TYR B 368 11.81 -1.86 31.44
C TYR B 368 11.76 -3.01 32.47
N TYR B 369 10.56 -3.43 32.86
CA TYR B 369 10.34 -4.43 33.94
C TYR B 369 10.65 -5.84 33.43
N ALA B 370 10.43 -6.11 32.15
CA ALA B 370 10.87 -7.38 31.52
C ALA B 370 12.38 -7.50 31.67
N LEU B 371 13.10 -6.43 31.39
CA LEU B 371 14.57 -6.45 31.56
C LEU B 371 14.96 -6.63 33.04
N GLN B 372 14.10 -6.26 34.00
CA GLN B 372 14.37 -6.49 35.44
C GLN B 372 14.00 -7.90 35.90
N HIS B 373 13.42 -8.71 35.02
CA HIS B 373 13.01 -10.10 35.34
C HIS B 373 14.22 -10.99 35.65
N SER B 374 14.06 -11.88 36.62
CA SER B 374 15.08 -12.84 37.12
C SER B 374 15.55 -13.76 35.98
N PHE B 375 14.73 -13.98 34.96
CA PHE B 375 15.13 -14.77 33.77
C PHE B 375 16.48 -14.30 33.23
N PHE B 376 16.84 -13.04 33.45
CA PHE B 376 17.97 -12.39 32.75
C PHE B 376 19.25 -12.38 33.60
N LYS B 377 19.26 -12.95 34.80
CA LYS B 377 20.53 -13.10 35.58
C LYS B 377 21.54 -13.99 34.82
N LYS B 378 21.09 -15.03 34.08
CA LYS B 378 21.86 -15.97 33.20
C LYS B 378 22.30 -17.20 34.01
C1 QYH C . -19.45 -2.17 -13.20
N1 QYH C . -13.47 1.42 -6.15
O1 QYH C . -19.40 -1.97 -11.80
C2 QYH C . -18.20 -1.67 -11.22
N2 QYH C . -12.37 0.18 -7.67
C3 QYH C . -16.96 -2.11 -11.64
N3 QYH C . -11.21 -1.04 -9.21
C4 QYH C . -15.83 -1.73 -10.92
N4 QYH C . -13.50 -0.94 -9.49
C5 QYH C . -15.90 -0.92 -9.79
C6 QYH C . -17.16 -0.50 -9.41
C7 QYH C . -18.31 -0.88 -10.09
C8 QYH C . -14.69 -0.51 -9.02
C9 QYH C . -14.74 0.30 -7.88
C10 QYH C . -13.54 0.61 -7.22
C11 QYH C . -12.39 -0.60 -8.78
C1 QYH D . 21.05 -8.31 4.96
N1 QYH D . 14.07 -1.74 7.02
O1 QYH D . 20.90 -6.94 5.33
C2 QYH D . 19.64 -6.44 5.32
N2 QYH D . 13.28 -3.60 5.98
C3 QYH D . 18.53 -7.09 4.82
N3 QYH D . 12.49 -5.46 4.96
C4 QYH D . 17.28 -6.50 4.92
N4 QYH D . 14.75 -5.33 5.25
C5 QYH D . 17.13 -5.25 5.53
C6 QYH D . 18.26 -4.62 6.05
C7 QYH D . 19.51 -5.20 5.93
C8 QYH D . 15.79 -4.62 5.68
C9 QYH D . 15.62 -3.41 6.31
C10 QYH D . 14.34 -2.90 6.43
C11 QYH D . 13.53 -4.78 5.41
#